data_7D6C
#
_entry.id   7D6C
#
_cell.length_a   84.180
_cell.length_b   92.330
_cell.length_c   125.380
_cell.angle_alpha   90.000
_cell.angle_beta   90.000
_cell.angle_gamma   90.000
#
_symmetry.space_group_name_H-M   'P 21 21 21'
#
loop_
_entity.id
_entity.type
_entity.pdbx_description
1 polymer 'Carbon dioxide concentrating mechanism protein CcmM'
2 polymer 'Carboxysome assembly protein CcmN'
3 water water
#
loop_
_entity_poly.entity_id
_entity_poly.type
_entity_poly.pdbx_seq_one_letter_code
_entity_poly.pdbx_strand_id
1 'polypeptide(L)'
;MDYKDDDDKMPSPTTVPVATAGRLAEPYIDPAAQVHAIASIIGDVRIAAGVRVAAGVSIRADEGAPFQVGKESILQEGAV
IHGLEYGRVLGDDQADYSVWIGQRVAITHKALIHGPAYLGDDCFVGFRSTVFNARVGAGSVIMMHALVQDVEIPPGRYVP
SGAIITTQQQADRLPEVRPEDREFARHIIGSPPVIVRSTPAATADFHSTPTPSPLRPS
;
1,2
2 'polypeptide(L)'
;FQSNMHLPPLEPPISDRYFASGEVTIAADVVIAPGVLLIAEADSRIEIASGVCIGLGSVIHARGGAIIIQAGALLAAGVL
IVGQSIVGRQACLGASTTLVNTSIEAGGVTAPGSLLSAETPP
;
3,4,5,F
#
# COMPACT_ATOMS: atom_id res chain seq x y z
N ALA A 25 20.20 -27.90 5.38
CA ALA A 25 20.47 -28.88 6.44
C ALA A 25 19.92 -28.43 7.80
N GLU A 26 19.79 -29.41 8.70
CA GLU A 26 19.13 -29.24 10.00
C GLU A 26 20.01 -28.46 10.97
N PRO A 27 19.46 -28.02 12.10
CA PRO A 27 20.28 -27.41 13.14
C PRO A 27 20.83 -28.44 14.11
N TYR A 28 21.88 -28.05 14.82
CA TYR A 28 22.52 -28.91 15.80
C TYR A 28 22.24 -28.35 17.18
N ILE A 29 21.55 -29.11 18.00
CA ILE A 29 21.25 -28.68 19.36
C ILE A 29 22.13 -29.47 20.31
N ASP A 30 22.91 -28.76 21.11
CA ASP A 30 23.64 -29.49 22.12
C ASP A 30 22.64 -30.08 23.10
N PRO A 31 22.69 -31.39 23.33
CA PRO A 31 21.83 -32.00 24.37
C PRO A 31 21.82 -31.27 25.71
N ALA A 32 22.88 -30.56 26.08
CA ALA A 32 22.95 -29.77 27.30
C ALA A 32 22.41 -28.36 27.13
N ALA A 33 21.70 -28.10 26.04
CA ALA A 33 21.11 -26.81 25.77
C ALA A 33 19.61 -26.89 25.95
N GLN A 34 19.03 -25.85 26.53
CA GLN A 34 17.59 -25.78 26.79
C GLN A 34 16.93 -24.87 25.74
N VAL A 35 16.19 -25.47 24.82
CA VAL A 35 15.54 -24.76 23.73
C VAL A 35 14.03 -24.96 23.85
N HIS A 36 13.32 -23.89 24.18
CA HIS A 36 11.87 -23.96 24.26
C HIS A 36 11.27 -24.60 23.01
N ALA A 37 10.20 -25.38 23.22
CA ALA A 37 9.57 -26.09 22.11
C ALA A 37 8.73 -25.17 21.24
N ILE A 38 8.41 -23.97 21.70
CA ILE A 38 7.67 -22.99 20.90
C ILE A 38 8.60 -22.00 20.20
N ALA A 39 9.89 -21.97 20.56
CA ALA A 39 10.90 -21.27 19.76
C ALA A 39 11.02 -21.89 18.39
N SER A 40 11.43 -21.08 17.41
CA SER A 40 11.57 -21.51 16.03
C SER A 40 13.02 -21.39 15.61
N ILE A 41 13.63 -22.53 15.25
CA ILE A 41 15.04 -22.61 14.90
C ILE A 41 15.19 -23.33 13.56
N ILE A 42 15.46 -22.57 12.48
CA ILE A 42 15.46 -23.13 11.14
C ILE A 42 16.89 -23.16 10.61
N GLY A 43 17.30 -24.30 10.05
CA GLY A 43 18.49 -24.30 9.22
C GLY A 43 19.82 -24.53 9.92
N ASP A 44 20.89 -23.99 9.35
CA ASP A 44 22.25 -24.37 9.74
C ASP A 44 22.72 -23.65 11.02
N VAL A 45 22.03 -23.94 12.12
CA VAL A 45 22.27 -23.21 13.37
C VAL A 45 22.95 -24.14 14.36
N ARG A 46 23.93 -23.60 15.09
CA ARG A 46 24.74 -24.33 16.07
C ARG A 46 24.42 -23.79 17.44
N ILE A 47 23.71 -24.57 18.27
CA ILE A 47 23.34 -24.15 19.62
C ILE A 47 24.24 -24.90 20.60
N ALA A 48 25.12 -24.16 21.26
CA ALA A 48 26.14 -24.73 22.14
C ALA A 48 25.52 -25.19 23.48
N ALA A 49 26.37 -25.66 24.38
CA ALA A 49 25.93 -26.15 25.69
C ALA A 49 25.40 -25.05 26.58
N GLY A 50 24.37 -25.39 27.37
CA GLY A 50 23.85 -24.47 28.34
C GLY A 50 23.25 -23.24 27.75
N VAL A 51 23.02 -23.22 26.44
CA VAL A 51 22.40 -22.09 25.77
C VAL A 51 20.91 -22.16 26.03
N ARG A 52 20.32 -21.00 26.36
CA ARG A 52 18.90 -20.90 26.69
C ARG A 52 18.19 -20.09 25.61
N VAL A 53 17.41 -20.77 24.77
CA VAL A 53 16.52 -20.11 23.81
C VAL A 53 15.10 -20.05 24.40
N ALA A 54 14.61 -18.84 24.67
CA ALA A 54 13.31 -18.65 25.30
C ALA A 54 12.17 -18.89 24.32
N ALA A 55 10.95 -18.81 24.84
CA ALA A 55 9.75 -18.99 24.03
C ALA A 55 9.64 -17.89 23.01
N GLY A 56 9.17 -18.24 21.81
CA GLY A 56 8.89 -17.21 20.83
C GLY A 56 10.10 -16.54 20.25
N VAL A 57 11.28 -17.11 20.46
CA VAL A 57 12.49 -16.62 19.84
C VAL A 57 12.60 -17.20 18.43
N SER A 58 13.10 -16.40 17.50
CA SER A 58 13.18 -16.82 16.11
C SER A 58 14.62 -16.77 15.60
N ILE A 59 15.16 -17.94 15.24
CA ILE A 59 16.51 -18.08 14.65
C ILE A 59 16.37 -18.75 13.29
N ARG A 60 16.74 -18.02 12.24
CA ARG A 60 16.45 -18.49 10.89
C ARG A 60 17.67 -18.34 9.97
N ALA A 61 18.20 -19.49 9.51
CA ALA A 61 19.38 -19.54 8.66
C ALA A 61 19.04 -20.30 7.38
N ASP A 62 17.92 -19.93 6.74
CA ASP A 62 17.41 -20.61 5.57
C ASP A 62 18.11 -20.19 4.28
N GLU A 63 19.32 -19.68 4.39
CA GLU A 63 20.09 -19.30 3.21
C GLU A 63 21.20 -20.29 2.86
N GLY A 64 21.37 -21.35 3.65
CA GLY A 64 22.59 -22.13 3.58
C GLY A 64 23.76 -21.52 4.33
N ALA A 65 23.54 -20.35 5.05
CA ALA A 65 24.44 -19.52 5.85
C ALA A 65 24.54 -20.07 7.26
N PRO A 66 25.73 -20.37 7.75
CA PRO A 66 25.84 -20.98 9.09
C PRO A 66 25.66 -19.96 10.20
N PHE A 67 25.08 -20.45 11.30
CA PHE A 67 24.83 -19.69 12.53
C PHE A 67 25.45 -20.46 13.69
N GLN A 68 26.12 -19.75 14.60
CA GLN A 68 26.70 -20.38 15.78
C GLN A 68 26.40 -19.51 16.98
N VAL A 69 25.77 -20.10 18.01
CA VAL A 69 25.46 -19.38 19.24
C VAL A 69 26.28 -20.04 20.33
N GLY A 70 27.22 -19.31 20.91
CA GLY A 70 28.15 -19.90 21.85
C GLY A 70 27.51 -20.24 23.19
N LYS A 71 28.31 -20.90 24.02
CA LYS A 71 27.80 -21.52 25.24
C LYS A 71 27.24 -20.48 26.22
N GLU A 72 26.18 -20.90 26.92
CA GLU A 72 25.58 -20.19 28.04
C GLU A 72 25.07 -18.81 27.66
N SER A 73 24.90 -18.57 26.36
CA SER A 73 24.20 -17.37 25.93
C SER A 73 22.70 -17.50 26.25
N ILE A 74 22.02 -16.36 26.27
CA ILE A 74 20.61 -16.27 26.61
C ILE A 74 19.89 -15.49 25.53
N LEU A 75 18.89 -16.12 24.91
CA LEU A 75 18.01 -15.43 23.96
C LEU A 75 16.63 -15.33 24.59
N GLN A 76 16.16 -14.09 24.80
CA GLN A 76 14.89 -13.91 25.49
C GLN A 76 13.72 -13.91 24.52
N GLU A 77 12.53 -14.08 25.09
CA GLU A 77 11.29 -14.13 24.33
C GLU A 77 11.22 -13.01 23.30
N GLY A 78 10.96 -13.37 22.05
CA GLY A 78 10.77 -12.39 21.00
C GLY A 78 12.04 -11.96 20.28
N ALA A 79 13.21 -12.25 20.83
CA ALA A 79 14.47 -12.05 20.12
C ALA A 79 14.43 -12.69 18.74
N VAL A 80 15.32 -12.27 17.85
CA VAL A 80 15.30 -12.78 16.48
C VAL A 80 16.67 -12.65 15.82
N ILE A 81 17.08 -13.71 15.15
CA ILE A 81 18.40 -13.81 14.53
C ILE A 81 18.19 -14.19 13.07
N HIS A 82 18.45 -13.23 12.17
CA HIS A 82 18.37 -13.45 10.73
C HIS A 82 19.78 -13.42 10.13
N GLY A 83 19.90 -13.94 8.90
CA GLY A 83 21.14 -13.86 8.15
C GLY A 83 20.98 -13.52 6.67
N LEU A 84 21.82 -12.62 6.17
CA LEU A 84 21.88 -12.36 4.73
C LEU A 84 22.45 -13.56 3.97
N GLU A 85 22.05 -13.70 2.70
CA GLU A 85 22.52 -14.81 1.89
C GLU A 85 24.02 -14.69 1.61
N TYR A 86 24.49 -13.47 1.35
CA TYR A 86 25.89 -13.22 1.05
C TYR A 86 26.50 -12.38 2.17
N GLY A 87 27.70 -12.77 2.59
CA GLY A 87 28.37 -12.06 3.65
C GLY A 87 28.71 -13.00 4.78
N ARG A 88 29.89 -12.81 5.35
CA ARG A 88 30.28 -13.63 6.47
C ARG A 88 31.22 -12.85 7.36
N VAL A 89 31.40 -13.39 8.54
CA VAL A 89 32.35 -12.96 9.54
C VAL A 89 33.19 -14.18 9.88
N LEU A 90 34.33 -13.93 10.51
CA LEU A 90 35.27 -15.00 10.86
C LEU A 90 35.03 -15.38 12.31
N GLY A 91 34.69 -16.67 12.53
CA GLY A 91 34.49 -17.15 13.88
C GLY A 91 35.79 -17.51 14.60
N ASP A 92 35.69 -17.66 15.91
CA ASP A 92 36.84 -18.02 16.73
C ASP A 92 37.28 -19.47 16.51
N ASP A 93 36.55 -20.23 15.72
CA ASP A 93 36.97 -21.56 15.33
C ASP A 93 37.57 -21.58 13.93
N GLN A 94 37.76 -20.40 13.34
CA GLN A 94 38.37 -20.11 12.03
C GLN A 94 37.40 -20.34 10.89
N ALA A 95 36.16 -20.77 11.17
CA ALA A 95 35.14 -20.89 10.14
C ALA A 95 34.50 -19.55 9.81
N ASP A 96 33.96 -19.45 8.59
CA ASP A 96 33.20 -18.29 8.18
C ASP A 96 31.74 -18.55 8.56
N TYR A 97 31.09 -17.52 9.11
CA TYR A 97 29.74 -17.62 9.63
C TYR A 97 28.92 -16.43 9.13
N SER A 98 27.63 -16.67 8.86
CA SER A 98 26.73 -15.53 8.74
C SER A 98 26.57 -14.82 10.07
N VAL A 99 26.35 -15.59 11.14
CA VAL A 99 26.19 -15.05 12.49
C VAL A 99 27.03 -15.88 13.43
N TRP A 100 27.90 -15.21 14.19
CA TRP A 100 28.63 -15.85 15.28
C TRP A 100 28.30 -15.08 16.56
N ILE A 101 27.55 -15.73 17.45
CA ILE A 101 27.32 -15.23 18.79
C ILE A 101 28.26 -15.95 19.77
N GLY A 102 29.02 -15.18 20.53
CA GLY A 102 29.99 -15.77 21.41
C GLY A 102 29.38 -16.47 22.61
N GLN A 103 30.11 -16.52 23.71
CA GLN A 103 29.66 -17.15 24.94
C GLN A 103 29.17 -16.09 25.93
N ARG A 104 28.19 -16.48 26.75
CA ARG A 104 27.60 -15.61 27.79
C ARG A 104 26.98 -14.33 27.19
N VAL A 105 26.48 -14.41 25.97
CA VAL A 105 25.91 -13.25 25.29
C VAL A 105 24.43 -13.20 25.57
N ALA A 106 23.94 -12.02 25.95
CA ALA A 106 22.52 -11.77 26.19
C ALA A 106 21.91 -11.04 25.01
N ILE A 107 20.95 -11.67 24.34
CA ILE A 107 20.14 -11.00 23.34
C ILE A 107 18.71 -10.94 23.87
N THR A 108 18.26 -9.73 24.19
CA THR A 108 17.06 -9.58 24.97
C THR A 108 15.80 -9.50 24.08
N HIS A 109 14.66 -9.31 24.75
CA HIS A 109 13.35 -9.21 24.10
C HIS A 109 13.41 -8.34 22.85
N LYS A 110 12.91 -8.89 21.74
CA LYS A 110 12.59 -8.14 20.54
C LYS A 110 13.83 -7.53 19.88
N ALA A 111 15.02 -7.87 20.35
CA ALA A 111 16.24 -7.40 19.72
C ALA A 111 16.51 -8.20 18.45
N LEU A 112 17.16 -7.56 17.48
CA LEU A 112 17.45 -8.21 16.21
C LEU A 112 18.96 -8.27 15.96
N ILE A 113 19.43 -9.45 15.57
CA ILE A 113 20.80 -9.69 15.11
C ILE A 113 20.71 -10.19 13.68
N HIS A 114 21.11 -9.37 12.72
CA HIS A 114 20.91 -9.70 11.32
C HIS A 114 22.22 -9.88 10.57
N GLY A 115 22.16 -10.71 9.53
CA GLY A 115 23.12 -10.70 8.46
C GLY A 115 24.49 -11.07 8.94
N PRO A 116 25.54 -10.66 8.21
CA PRO A 116 26.91 -10.84 8.69
C PRO A 116 27.10 -10.16 10.04
N ALA A 117 27.29 -10.92 11.11
CA ALA A 117 27.36 -10.26 12.41
C ALA A 117 28.19 -11.08 13.39
N TYR A 118 28.92 -10.36 14.23
CA TYR A 118 29.81 -10.97 15.22
C TYR A 118 29.56 -10.31 16.56
N LEU A 119 29.12 -11.10 17.53
CA LEU A 119 29.10 -10.63 18.90
C LEU A 119 30.15 -11.38 19.70
N GLY A 120 30.91 -10.65 20.51
CA GLY A 120 31.95 -11.24 21.31
C GLY A 120 31.37 -12.01 22.48
N ASP A 121 32.27 -12.52 23.32
CA ASP A 121 31.85 -13.10 24.59
C ASP A 121 31.39 -12.00 25.54
N ASP A 122 30.33 -12.29 26.29
CA ASP A 122 29.81 -11.40 27.35
C ASP A 122 29.25 -10.09 26.80
N CYS A 123 28.65 -10.13 25.60
CA CYS A 123 27.93 -9.00 25.04
C CYS A 123 26.48 -8.95 25.54
N PHE A 124 25.95 -7.74 25.65
CA PHE A 124 24.55 -7.52 25.99
C PHE A 124 23.90 -6.67 24.91
N VAL A 125 22.72 -7.09 24.47
CA VAL A 125 21.93 -6.34 23.48
C VAL A 125 20.54 -6.09 24.07
N GLY A 126 20.28 -4.84 24.45
CA GLY A 126 19.04 -4.46 25.08
C GLY A 126 17.81 -4.58 24.18
N PHE A 127 16.69 -4.12 24.72
CA PHE A 127 15.38 -4.40 24.13
C PHE A 127 15.22 -3.71 22.79
N ARG A 128 14.74 -4.46 21.80
CA ARG A 128 14.37 -3.92 20.49
C ARG A 128 15.52 -3.12 19.88
N SER A 129 16.73 -3.66 20.01
CA SER A 129 17.88 -3.04 19.38
C SER A 129 18.40 -3.93 18.28
N THR A 130 19.05 -3.33 17.30
CA THR A 130 19.46 -4.07 16.11
C THR A 130 20.97 -4.04 15.92
N VAL A 131 21.53 -5.18 15.57
CA VAL A 131 22.93 -5.34 15.19
C VAL A 131 22.94 -6.00 13.82
N PHE A 132 23.41 -5.27 12.82
CA PHE A 132 23.37 -5.77 11.45
C PHE A 132 24.65 -5.36 10.74
N ASN A 133 25.27 -6.33 10.07
CA ASN A 133 26.51 -6.13 9.32
C ASN A 133 27.51 -5.35 10.17
N ALA A 134 27.86 -5.94 11.30
CA ALA A 134 28.71 -5.22 12.22
C ALA A 134 29.45 -6.22 13.09
N ARG A 135 30.49 -5.71 13.75
CA ARG A 135 31.32 -6.45 14.68
C ARG A 135 31.18 -5.77 16.04
N VAL A 136 30.73 -6.54 17.04
CA VAL A 136 30.65 -6.07 18.41
C VAL A 136 31.68 -6.87 19.19
N GLY A 137 32.78 -6.23 19.59
CA GLY A 137 33.79 -6.91 20.39
C GLY A 137 33.29 -7.24 21.79
N ALA A 138 34.02 -8.15 22.43
CA ALA A 138 33.58 -8.76 23.69
C ALA A 138 33.27 -7.72 24.76
N GLY A 139 32.42 -8.12 25.70
CA GLY A 139 32.10 -7.34 26.88
C GLY A 139 31.31 -6.07 26.64
N SER A 140 30.78 -5.88 25.44
CA SER A 140 30.11 -4.63 25.11
C SER A 140 28.64 -4.65 25.56
N VAL A 141 28.11 -3.47 25.84
CA VAL A 141 26.74 -3.30 26.32
C VAL A 141 25.98 -2.40 25.34
N ILE A 142 25.04 -2.98 24.61
CA ILE A 142 24.14 -2.22 23.75
C ILE A 142 22.77 -2.11 24.42
N MET A 143 22.25 -0.89 24.52
CA MET A 143 21.01 -0.62 25.22
C MET A 143 19.76 -0.86 24.37
N MET A 144 18.75 -0.03 24.54
CA MET A 144 17.42 -0.33 24.03
C MET A 144 17.10 0.59 22.86
N HIS A 145 16.36 0.06 21.88
CA HIS A 145 15.85 0.86 20.78
C HIS A 145 16.98 1.46 19.97
N ALA A 146 18.04 0.67 19.80
CA ALA A 146 19.25 1.17 19.15
C ALA A 146 19.54 0.38 17.89
N LEU A 147 20.31 0.99 17.01
CA LEU A 147 20.80 0.35 15.80
C LEU A 147 22.31 0.50 15.75
N VAL A 148 23.01 -0.61 15.53
CA VAL A 148 24.42 -0.58 15.19
C VAL A 148 24.59 -1.29 13.86
N GLN A 149 25.22 -0.60 12.92
CA GLN A 149 25.25 -0.99 11.52
C GLN A 149 26.58 -0.59 10.92
N ASP A 150 27.18 -1.49 10.14
CA ASP A 150 28.31 -1.13 9.28
C ASP A 150 29.52 -0.68 10.08
N VAL A 151 29.73 -1.22 11.28
CA VAL A 151 30.80 -0.76 12.16
C VAL A 151 31.44 -1.94 12.87
N GLU A 152 32.71 -1.77 13.26
CA GLU A 152 33.40 -2.69 14.14
C GLU A 152 33.42 -2.04 15.53
N ILE A 153 32.52 -2.48 16.41
CA ILE A 153 32.47 -1.91 17.75
C ILE A 153 33.69 -2.37 18.53
N PRO A 154 34.45 -1.47 19.16
CA PRO A 154 35.60 -1.90 19.97
C PRO A 154 35.14 -2.75 21.14
N PRO A 155 36.01 -3.61 21.69
CA PRO A 155 35.60 -4.40 22.86
C PRO A 155 35.31 -3.50 24.07
N GLY A 156 34.23 -3.82 24.78
CA GLY A 156 33.99 -3.17 26.06
C GLY A 156 33.38 -1.79 26.01
N ARG A 157 32.64 -1.47 24.96
CA ARG A 157 32.05 -0.15 24.79
C ARG A 157 30.54 -0.21 24.98
N TYR A 158 29.95 0.92 25.33
CA TYR A 158 28.54 1.03 25.70
C TYR A 158 27.85 2.02 24.77
N VAL A 159 26.84 1.56 24.05
CA VAL A 159 26.01 2.42 23.19
C VAL A 159 24.75 2.80 23.97
N PRO A 160 24.43 4.07 24.11
CA PRO A 160 23.25 4.46 24.89
C PRO A 160 21.96 3.99 24.22
N SER A 161 20.87 4.06 24.97
CA SER A 161 19.57 3.71 24.41
C SER A 161 19.19 4.72 23.35
N GLY A 162 18.63 4.24 22.24
CA GLY A 162 18.17 5.11 21.17
C GLY A 162 19.24 5.54 20.19
N ALA A 163 20.47 5.08 20.33
CA ALA A 163 21.55 5.53 19.49
C ALA A 163 21.52 4.83 18.13
N ILE A 164 22.01 5.53 17.10
CA ILE A 164 22.09 4.98 15.75
C ILE A 164 23.54 5.10 15.26
N ILE A 165 24.23 3.98 15.16
CA ILE A 165 25.67 3.96 14.94
C ILE A 165 25.93 3.30 13.58
N THR A 166 26.35 4.10 12.61
CA THR A 166 26.62 3.60 11.28
C THR A 166 28.01 3.92 10.77
N THR A 167 28.63 4.99 11.27
CA THR A 167 29.98 5.35 10.87
C THR A 167 30.98 4.79 11.88
N GLN A 168 32.18 4.48 11.39
CA GLN A 168 33.24 4.01 12.28
C GLN A 168 33.80 5.13 13.15
N GLN A 169 33.60 6.39 12.77
CA GLN A 169 33.85 7.48 13.70
C GLN A 169 33.05 7.27 14.98
N GLN A 170 31.72 7.19 14.84
CA GLN A 170 30.82 7.01 15.98
C GLN A 170 31.26 5.87 16.88
N ALA A 171 31.55 4.70 16.29
CA ALA A 171 32.11 3.58 17.04
C ALA A 171 33.29 4.02 17.90
N ASP A 172 34.35 4.52 17.25
CA ASP A 172 35.58 4.92 17.95
C ASP A 172 35.32 5.79 19.17
N ARG A 173 34.30 6.66 19.12
CA ARG A 173 34.02 7.55 20.23
C ARG A 173 32.94 6.98 21.17
N LEU A 174 32.86 5.66 21.30
CA LEU A 174 31.79 5.20 22.19
C LEU A 174 32.28 5.10 23.63
N PRO A 175 31.45 5.48 24.60
CA PRO A 175 31.84 5.31 26.01
C PRO A 175 32.19 3.86 26.28
N GLU A 176 33.16 3.66 27.17
CA GLU A 176 33.47 2.33 27.66
C GLU A 176 32.44 1.94 28.73
N VAL A 177 32.22 0.63 28.88
CA VAL A 177 31.15 0.14 29.76
C VAL A 177 31.43 0.55 31.21
N ARG A 178 30.65 1.50 31.71
CA ARG A 178 30.78 1.88 33.12
C ARG A 178 30.42 0.68 34.00
N PRO A 179 31.18 0.42 35.07
CA PRO A 179 30.83 -0.70 35.98
C PRO A 179 29.39 -0.60 36.49
N GLU A 180 28.77 0.57 36.32
CA GLU A 180 27.34 0.76 36.51
C GLU A 180 26.52 0.06 35.44
N ASP A 181 26.86 0.30 34.17
CA ASP A 181 26.01 -0.12 33.05
C ASP A 181 25.92 -1.63 32.94
N ARG A 182 26.98 -2.35 33.33
CA ARG A 182 26.87 -3.81 33.35
C ARG A 182 26.02 -4.31 34.51
N GLU A 183 25.72 -3.47 35.51
CA GLU A 183 24.73 -3.85 36.49
C GLU A 183 23.33 -3.80 35.89
N PHE A 184 23.00 -2.69 35.21
CA PHE A 184 21.71 -2.57 34.54
C PHE A 184 21.44 -3.80 33.67
N ALA A 185 22.42 -4.19 32.85
CA ALA A 185 22.25 -5.36 32.00
C ALA A 185 22.11 -6.64 32.82
N ARG A 186 22.74 -6.68 33.98
CA ARG A 186 22.66 -7.85 34.84
C ARG A 186 21.33 -7.92 35.59
N HIS A 187 20.60 -6.81 35.67
CA HIS A 187 19.24 -6.83 36.17
C HIS A 187 18.26 -7.29 35.10
N ILE A 188 18.51 -6.95 33.83
CA ILE A 188 17.55 -7.23 32.76
C ILE A 188 17.31 -8.73 32.62
N ILE A 189 18.37 -9.53 32.66
CA ILE A 189 18.23 -10.96 32.86
C ILE A 189 18.63 -11.26 34.30
N GLY A 190 17.75 -11.89 35.05
CA GLY A 190 18.05 -12.13 36.46
C GLY A 190 17.97 -13.58 36.89
N SER A 191 18.57 -14.48 36.11
CA SER A 191 18.48 -15.91 36.42
C SER A 191 19.85 -16.59 36.40
N ALA B 25 -32.94 -7.19 -14.79
CA ALA B 25 -31.68 -7.92 -14.76
C ALA B 25 -31.29 -8.21 -16.19
N GLU B 26 -32.25 -8.04 -17.10
CA GLU B 26 -31.99 -8.24 -18.51
C GLU B 26 -31.99 -6.90 -19.21
N PRO B 27 -30.90 -6.55 -19.89
CA PRO B 27 -30.83 -5.26 -20.59
C PRO B 27 -31.73 -5.23 -21.82
N TYR B 28 -32.54 -4.19 -21.93
CA TYR B 28 -33.32 -3.97 -23.14
C TYR B 28 -32.49 -3.14 -24.11
N ILE B 29 -32.21 -3.69 -25.28
CA ILE B 29 -31.45 -3.02 -26.32
C ILE B 29 -32.32 -2.91 -27.55
N ASP B 30 -32.63 -1.69 -27.97
CA ASP B 30 -33.44 -1.50 -29.15
C ASP B 30 -32.78 -2.14 -30.37
N PRO B 31 -33.57 -2.76 -31.27
CA PRO B 31 -32.99 -3.40 -32.46
C PRO B 31 -32.39 -2.44 -33.46
N ALA B 32 -32.53 -1.12 -33.27
CA ALA B 32 -31.85 -0.15 -34.11
C ALA B 32 -30.61 0.44 -33.45
N ALA B 33 -30.27 -0.02 -32.25
CA ALA B 33 -29.03 0.36 -31.60
C ALA B 33 -27.84 -0.45 -32.13
N GLN B 34 -26.71 0.22 -32.41
CA GLN B 34 -25.47 -0.46 -32.77
C GLN B 34 -24.60 -0.62 -31.53
N VAL B 35 -24.66 -1.79 -30.91
CA VAL B 35 -23.92 -2.13 -29.69
C VAL B 35 -22.81 -3.16 -29.97
N HIS B 36 -21.55 -2.73 -29.87
CA HIS B 36 -20.43 -3.64 -30.07
C HIS B 36 -20.45 -4.80 -29.07
N ALA B 37 -20.04 -5.99 -29.53
CA ALA B 37 -20.09 -7.18 -28.70
C ALA B 37 -19.02 -7.20 -27.63
N ILE B 38 -17.91 -6.47 -27.83
CA ILE B 38 -16.91 -6.27 -26.77
C ILE B 38 -17.37 -5.26 -25.73
N ALA B 39 -18.54 -4.64 -25.94
CA ALA B 39 -19.16 -3.83 -24.90
C ALA B 39 -19.80 -4.74 -23.86
N SER B 40 -19.66 -4.37 -22.60
CA SER B 40 -20.22 -5.10 -21.46
C SER B 40 -21.40 -4.30 -20.89
N ILE B 41 -22.61 -4.85 -20.98
CA ILE B 41 -23.81 -4.13 -20.54
C ILE B 41 -24.62 -5.04 -19.63
N ILE B 42 -24.66 -4.71 -18.35
CA ILE B 42 -25.19 -5.61 -17.33
C ILE B 42 -26.33 -4.93 -16.56
N GLY B 43 -27.46 -5.61 -16.47
CA GLY B 43 -28.54 -5.19 -15.61
C GLY B 43 -29.68 -4.52 -16.35
N ASP B 44 -30.52 -3.83 -15.58
CA ASP B 44 -31.64 -3.07 -16.13
C ASP B 44 -31.11 -1.86 -16.89
N VAL B 45 -30.81 -2.04 -18.17
CA VAL B 45 -30.30 -0.98 -19.01
C VAL B 45 -31.15 -0.89 -20.26
N ARG B 46 -31.53 0.31 -20.62
CA ARG B 46 -32.54 0.49 -21.64
C ARG B 46 -31.87 1.30 -22.74
N ILE B 47 -31.47 0.64 -23.82
CA ILE B 47 -30.73 1.31 -24.89
C ILE B 47 -31.72 1.65 -25.98
N ALA B 48 -31.86 2.93 -26.28
CA ALA B 48 -32.85 3.36 -27.24
C ALA B 48 -32.35 3.13 -28.67
N ALA B 49 -33.23 3.41 -29.63
CA ALA B 49 -32.91 3.22 -31.04
C ALA B 49 -31.90 4.26 -31.48
N GLY B 50 -31.11 3.92 -32.51
CA GLY B 50 -30.02 4.74 -33.02
C GLY B 50 -28.80 4.83 -32.14
N VAL B 51 -28.85 4.30 -30.92
CA VAL B 51 -27.75 4.49 -29.98
C VAL B 51 -26.55 3.68 -30.46
N ARG B 52 -25.37 4.27 -30.34
CA ARG B 52 -24.16 3.63 -30.84
C ARG B 52 -23.24 3.46 -29.64
N VAL B 53 -23.03 2.20 -29.23
CA VAL B 53 -22.25 1.83 -28.04
C VAL B 53 -20.98 1.12 -28.47
N ALA B 54 -19.82 1.77 -28.27
CA ALA B 54 -18.56 1.28 -28.84
C ALA B 54 -17.92 0.17 -28.00
N ALA B 55 -16.78 -0.32 -28.49
CA ALA B 55 -16.11 -1.45 -27.88
C ALA B 55 -15.57 -1.07 -26.50
N GLY B 56 -15.58 -2.05 -25.60
CA GLY B 56 -15.01 -1.81 -24.29
C GLY B 56 -15.73 -0.79 -23.45
N VAL B 57 -16.96 -0.40 -23.82
CA VAL B 57 -17.81 0.38 -22.93
C VAL B 57 -18.33 -0.54 -21.83
N SER B 58 -18.49 0.01 -20.63
CA SER B 58 -19.07 -0.72 -19.52
C SER B 58 -20.26 0.06 -18.99
N ILE B 59 -21.44 -0.47 -19.21
CA ILE B 59 -22.67 0.03 -18.62
C ILE B 59 -23.09 -0.99 -17.59
N ARG B 60 -22.86 -0.67 -16.32
CA ARG B 60 -23.00 -1.61 -15.21
C ARG B 60 -24.18 -1.15 -14.35
N ALA B 61 -25.35 -1.78 -14.55
CA ALA B 61 -26.55 -1.43 -13.79
C ALA B 61 -26.89 -2.45 -12.71
N ASP B 62 -25.89 -3.08 -12.12
CA ASP B 62 -26.10 -4.19 -11.20
C ASP B 62 -26.43 -3.74 -9.79
N GLU B 63 -27.20 -2.66 -9.66
CA GLU B 63 -27.47 -2.05 -8.36
C GLU B 63 -28.96 -2.01 -8.01
N GLY B 64 -29.79 -2.84 -8.65
CA GLY B 64 -31.23 -2.64 -8.57
C GLY B 64 -31.62 -1.27 -9.08
N ALA B 65 -30.93 -0.80 -10.13
CA ALA B 65 -30.93 0.58 -10.59
C ALA B 65 -31.23 0.61 -12.07
N PRO B 66 -32.25 1.38 -12.52
CA PRO B 66 -32.55 1.43 -13.97
C PRO B 66 -31.80 2.52 -14.71
N PHE B 67 -31.01 2.16 -15.74
CA PHE B 67 -30.38 3.11 -16.65
C PHE B 67 -31.24 3.31 -17.89
N GLN B 68 -31.21 4.52 -18.43
CA GLN B 68 -31.87 4.80 -19.69
C GLN B 68 -30.94 5.62 -20.56
N VAL B 69 -30.73 5.17 -21.80
CA VAL B 69 -29.93 5.90 -22.77
C VAL B 69 -30.83 6.25 -23.93
N GLY B 70 -30.79 7.52 -24.37
CA GLY B 70 -31.73 8.02 -25.34
C GLY B 70 -31.23 7.96 -26.77
N LYS B 71 -32.16 8.18 -27.70
CA LYS B 71 -31.90 7.95 -29.12
C LYS B 71 -30.64 8.67 -29.60
N GLU B 72 -29.95 8.03 -30.55
CA GLU B 72 -28.81 8.59 -31.29
C GLU B 72 -27.73 9.14 -30.36
N SER B 73 -27.75 8.72 -29.10
CA SER B 73 -26.61 8.91 -28.22
C SER B 73 -25.47 8.01 -28.64
N ILE B 74 -24.24 8.50 -28.44
CA ILE B 74 -23.04 7.78 -28.82
C ILE B 74 -22.15 7.64 -27.58
N LEU B 75 -21.66 6.43 -27.36
CA LEU B 75 -20.75 6.13 -26.25
C LEU B 75 -19.42 5.64 -26.84
N GLN B 76 -18.36 6.43 -26.71
CA GLN B 76 -17.11 6.01 -27.34
C GLN B 76 -16.39 4.93 -26.52
N GLU B 77 -15.32 4.40 -27.12
CA GLU B 77 -14.53 3.32 -26.55
C GLU B 77 -14.08 3.63 -25.12
N GLY B 78 -14.35 2.70 -24.21
CA GLY B 78 -13.89 2.86 -22.85
C GLY B 78 -14.68 3.81 -21.97
N ALA B 79 -15.84 4.30 -22.42
CA ALA B 79 -16.72 5.05 -21.53
C ALA B 79 -17.35 4.12 -20.48
N VAL B 80 -17.77 4.70 -19.35
CA VAL B 80 -18.28 3.91 -18.24
C VAL B 80 -19.56 4.52 -17.68
N ILE B 81 -20.53 3.65 -17.39
CA ILE B 81 -21.76 4.01 -16.70
C ILE B 81 -21.89 3.09 -15.51
N HIS B 82 -21.77 3.65 -14.29
CA HIS B 82 -22.18 2.98 -13.06
C HIS B 82 -23.43 3.67 -12.54
N GLY B 83 -23.92 3.17 -11.43
CA GLY B 83 -24.99 3.81 -10.69
C GLY B 83 -24.90 3.45 -9.23
N LEU B 84 -25.07 4.43 -8.34
CA LEU B 84 -25.18 4.14 -6.92
C LEU B 84 -26.46 3.36 -6.61
N GLU B 85 -26.37 2.51 -5.58
CA GLU B 85 -27.51 1.68 -5.19
C GLU B 85 -28.69 2.53 -4.76
N TYR B 86 -28.47 3.49 -3.86
CA TYR B 86 -29.51 4.43 -3.46
C TYR B 86 -29.23 5.80 -4.09
N GLY B 87 -30.26 6.34 -4.74
CA GLY B 87 -30.15 7.65 -5.36
C GLY B 87 -30.78 7.60 -6.73
N ARG B 88 -31.71 8.51 -7.02
CA ARG B 88 -32.38 8.49 -8.31
C ARG B 88 -32.56 9.92 -8.81
N VAL B 89 -32.98 10.00 -10.07
CA VAL B 89 -33.24 11.26 -10.74
C VAL B 89 -34.52 10.97 -11.52
N LEU B 90 -35.26 12.02 -11.86
CA LEU B 90 -36.41 11.79 -12.72
C LEU B 90 -36.09 12.20 -14.14
N GLY B 91 -36.37 11.28 -15.07
CA GLY B 91 -36.22 11.56 -16.47
C GLY B 91 -37.35 12.39 -17.01
N ASP B 92 -37.25 12.70 -18.30
CA ASP B 92 -38.31 13.42 -19.00
C ASP B 92 -39.65 12.67 -18.97
N ASP B 93 -39.64 11.37 -18.66
CA ASP B 93 -40.86 10.58 -18.56
C ASP B 93 -41.38 10.48 -17.12
N GLN B 94 -40.91 11.33 -16.22
CA GLN B 94 -41.35 11.39 -14.82
C GLN B 94 -41.06 10.10 -14.03
N ALA B 95 -40.19 9.22 -14.50
CA ALA B 95 -39.88 8.02 -13.74
C ALA B 95 -38.48 8.05 -13.15
N ASP B 96 -38.35 7.41 -11.99
CA ASP B 96 -37.10 7.38 -11.24
C ASP B 96 -36.06 6.51 -11.94
N TYR B 97 -34.91 7.09 -12.25
CA TYR B 97 -33.77 6.37 -12.79
C TYR B 97 -32.50 6.65 -11.98
N SER B 98 -31.56 5.72 -12.07
CA SER B 98 -30.21 5.99 -11.61
C SER B 98 -29.41 6.74 -12.67
N VAL B 99 -29.62 6.44 -13.94
CA VAL B 99 -28.96 7.19 -15.01
C VAL B 99 -29.97 7.43 -16.12
N TRP B 100 -30.32 8.69 -16.35
CA TRP B 100 -31.06 9.10 -17.52
C TRP B 100 -30.08 9.86 -18.40
N ILE B 101 -29.96 9.39 -19.64
CA ILE B 101 -29.20 10.05 -20.70
C ILE B 101 -30.16 10.37 -21.82
N GLY B 102 -30.11 11.61 -22.28
CA GLY B 102 -31.06 12.11 -23.25
C GLY B 102 -30.76 11.56 -24.61
N GLN B 103 -31.28 12.25 -25.61
CA GLN B 103 -31.02 11.93 -26.99
C GLN B 103 -29.80 12.71 -27.46
N ARG B 104 -29.21 12.23 -28.56
CA ARG B 104 -28.05 12.83 -29.23
C ARG B 104 -26.91 13.20 -28.26
N VAL B 105 -26.90 12.58 -27.08
CA VAL B 105 -25.83 12.77 -26.10
C VAL B 105 -24.56 12.05 -26.55
N ALA B 106 -23.43 12.74 -26.49
CA ALA B 106 -22.13 12.15 -26.79
C ALA B 106 -21.37 11.95 -25.50
N ILE B 107 -21.05 10.70 -25.18
CA ILE B 107 -20.26 10.41 -23.98
C ILE B 107 -18.96 9.78 -24.45
N THR B 108 -17.87 10.50 -24.28
CA THR B 108 -16.66 10.23 -25.02
C THR B 108 -15.69 9.34 -24.24
N HIS B 109 -14.52 9.10 -24.84
CA HIS B 109 -13.54 8.13 -24.35
C HIS B 109 -13.28 8.26 -22.86
N LYS B 110 -13.23 7.12 -22.19
CA LYS B 110 -12.89 7.03 -20.77
C LYS B 110 -13.69 7.98 -19.86
N ALA B 111 -14.76 8.59 -20.36
CA ALA B 111 -15.62 9.36 -19.46
C ALA B 111 -16.31 8.46 -18.44
N LEU B 112 -16.79 9.05 -17.37
CA LEU B 112 -17.51 8.29 -16.35
C LEU B 112 -18.83 8.99 -16.04
N ILE B 113 -19.93 8.27 -16.15
CA ILE B 113 -21.22 8.74 -15.67
C ILE B 113 -21.63 7.80 -14.54
N HIS B 114 -21.86 8.36 -13.34
CA HIS B 114 -21.96 7.58 -12.11
C HIS B 114 -23.06 8.12 -11.21
N GLY B 115 -23.44 7.29 -10.23
CA GLY B 115 -24.36 7.64 -9.17
C GLY B 115 -25.69 7.96 -9.78
N PRO B 116 -26.54 8.66 -9.05
CA PRO B 116 -27.67 9.32 -9.71
C PRO B 116 -27.13 10.34 -10.69
N ALA B 117 -27.65 10.34 -11.91
CA ALA B 117 -27.18 11.36 -12.84
C ALA B 117 -28.21 11.52 -13.95
N TYR B 118 -28.34 12.75 -14.41
CA TYR B 118 -29.25 13.09 -15.49
C TYR B 118 -28.45 13.88 -16.54
N LEU B 119 -28.61 13.52 -17.79
CA LEU B 119 -27.90 14.15 -18.90
C LEU B 119 -28.90 14.51 -19.97
N GLY B 120 -29.38 15.75 -19.93
CA GLY B 120 -30.35 16.23 -20.90
C GLY B 120 -29.84 16.10 -22.32
N ASP B 121 -30.77 16.24 -23.25
CA ASP B 121 -30.48 16.00 -24.65
C ASP B 121 -29.32 16.86 -25.13
N ASP B 122 -28.60 16.37 -26.15
CA ASP B 122 -27.52 17.06 -26.86
C ASP B 122 -26.33 17.41 -26.00
N CYS B 123 -26.20 16.79 -24.83
CA CYS B 123 -25.05 17.05 -23.97
C CYS B 123 -23.81 16.33 -24.50
N PHE B 124 -22.65 16.86 -24.13
CA PHE B 124 -21.37 16.31 -24.56
C PHE B 124 -20.45 16.20 -23.36
N VAL B 125 -19.82 15.05 -23.19
CA VAL B 125 -18.99 14.75 -22.03
C VAL B 125 -17.59 14.38 -22.52
N GLY B 126 -16.64 15.32 -22.39
CA GLY B 126 -15.30 15.14 -22.92
C GLY B 126 -14.52 14.03 -22.23
N PHE B 127 -13.32 13.78 -22.79
CA PHE B 127 -12.47 12.68 -22.35
C PHE B 127 -12.20 12.72 -20.85
N ARG B 128 -12.43 11.58 -20.20
CA ARG B 128 -12.01 11.32 -18.83
C ARG B 128 -12.72 12.19 -17.83
N SER B 129 -13.90 12.68 -18.17
CA SER B 129 -14.59 13.63 -17.30
C SER B 129 -15.74 12.93 -16.60
N THR B 130 -15.90 13.22 -15.32
CA THR B 130 -16.88 12.53 -14.49
C THR B 130 -18.13 13.40 -14.30
N VAL B 131 -19.30 12.77 -14.43
CA VAL B 131 -20.54 13.34 -13.92
C VAL B 131 -21.06 12.38 -12.87
N PHE B 132 -21.40 12.92 -11.70
CA PHE B 132 -21.75 12.13 -10.51
C PHE B 132 -22.73 12.95 -9.68
N ASN B 133 -23.84 12.31 -9.26
CA ASN B 133 -24.84 12.92 -8.38
C ASN B 133 -25.24 14.33 -8.85
N ALA B 134 -25.55 14.47 -10.13
CA ALA B 134 -25.86 15.77 -10.66
C ALA B 134 -26.87 15.66 -11.80
N ARG B 135 -27.41 16.81 -12.19
CA ARG B 135 -28.28 16.92 -13.36
C ARG B 135 -27.65 17.92 -14.29
N VAL B 136 -27.66 17.61 -15.60
CA VAL B 136 -26.99 18.43 -16.60
C VAL B 136 -28.01 18.88 -17.62
N GLY B 137 -28.23 20.18 -17.69
CA GLY B 137 -29.21 20.71 -18.62
C GLY B 137 -28.85 20.36 -20.03
N ALA B 138 -29.88 20.15 -20.85
CA ALA B 138 -29.69 19.88 -22.26
C ALA B 138 -28.69 20.86 -22.89
N GLY B 139 -28.04 20.42 -23.95
CA GLY B 139 -27.20 21.28 -24.76
C GLY B 139 -25.91 21.76 -24.11
N SER B 140 -25.68 21.47 -22.83
CA SER B 140 -24.43 21.92 -22.22
C SER B 140 -23.28 20.97 -22.56
N VAL B 141 -22.07 21.53 -22.62
CA VAL B 141 -20.89 20.84 -23.14
C VAL B 141 -19.81 20.81 -22.05
N ILE B 142 -19.52 19.60 -21.53
CA ILE B 142 -18.42 19.35 -20.58
C ILE B 142 -17.14 18.96 -21.33
N MET B 143 -16.01 19.53 -20.90
CA MET B 143 -14.77 19.22 -21.59
C MET B 143 -13.97 18.11 -20.90
N MET B 144 -12.64 18.19 -20.91
CA MET B 144 -11.82 17.04 -20.58
C MET B 144 -11.30 17.11 -19.15
N HIS B 145 -11.12 15.96 -18.52
CA HIS B 145 -10.61 15.88 -17.14
C HIS B 145 -11.43 16.71 -16.16
N ALA B 146 -12.70 16.96 -16.47
CA ALA B 146 -13.51 17.74 -15.54
C ALA B 146 -14.20 16.83 -14.52
N LEU B 147 -14.77 17.45 -13.50
CA LEU B 147 -15.66 16.75 -12.57
C LEU B 147 -16.89 17.61 -12.37
N VAL B 148 -18.06 17.01 -12.54
CA VAL B 148 -19.34 17.64 -12.22
C VAL B 148 -20.01 16.81 -11.16
N GLN B 149 -20.25 17.41 -9.99
CA GLN B 149 -20.74 16.64 -8.85
C GLN B 149 -21.67 17.50 -8.00
N ASP B 150 -22.73 16.86 -7.49
CA ASP B 150 -23.58 17.43 -6.44
C ASP B 150 -24.22 18.75 -6.86
N VAL B 151 -24.50 18.94 -8.14
CA VAL B 151 -24.96 20.22 -8.67
C VAL B 151 -25.98 19.98 -9.76
N GLU B 152 -26.44 21.08 -10.36
CA GLU B 152 -27.36 21.03 -11.49
C GLU B 152 -26.83 22.03 -12.53
N ILE B 153 -26.10 21.54 -13.51
CA ILE B 153 -25.64 22.40 -14.60
C ILE B 153 -26.88 22.92 -15.29
N PRO B 154 -27.12 24.23 -15.32
CA PRO B 154 -28.25 24.75 -16.08
C PRO B 154 -28.02 24.45 -17.59
N PRO B 155 -29.10 24.35 -18.34
CA PRO B 155 -28.95 24.10 -19.79
C PRO B 155 -27.95 25.05 -20.46
N GLY B 156 -27.31 24.55 -21.51
CA GLY B 156 -26.50 25.39 -22.37
C GLY B 156 -25.25 26.00 -21.78
N ARG B 157 -24.69 25.40 -20.73
CA ARG B 157 -23.45 25.92 -20.15
C ARG B 157 -22.25 25.05 -20.55
N TYR B 158 -21.06 25.48 -20.12
CA TYR B 158 -19.80 24.92 -20.57
C TYR B 158 -18.92 24.69 -19.35
N VAL B 159 -18.41 23.47 -19.22
CA VAL B 159 -17.47 23.17 -18.15
C VAL B 159 -16.09 22.99 -18.78
N PRO B 160 -15.15 23.91 -18.56
CA PRO B 160 -13.84 23.81 -19.21
C PRO B 160 -13.03 22.62 -18.71
N SER B 161 -11.96 22.31 -19.46
CA SER B 161 -11.13 21.18 -19.08
C SER B 161 -10.51 21.39 -17.70
N GLY B 162 -10.42 20.31 -16.94
CA GLY B 162 -9.89 20.34 -15.59
C GLY B 162 -10.77 21.03 -14.57
N ALA B 163 -11.92 21.55 -14.97
CA ALA B 163 -12.81 22.19 -14.00
C ALA B 163 -13.35 21.17 -13.01
N ILE B 164 -13.43 21.58 -11.74
CA ILE B 164 -13.93 20.73 -10.66
C ILE B 164 -15.12 21.45 -10.06
N ILE B 165 -16.30 21.22 -10.65
CA ILE B 165 -17.53 21.92 -10.27
C ILE B 165 -18.22 21.10 -9.19
N THR B 166 -18.28 21.63 -7.96
CA THR B 166 -18.73 20.84 -6.83
C THR B 166 -19.76 21.54 -5.92
N THR B 167 -20.11 22.79 -6.20
CA THR B 167 -21.10 23.52 -5.43
C THR B 167 -22.03 24.22 -6.41
N GLN B 168 -23.28 24.42 -5.97
CA GLN B 168 -24.26 24.99 -6.88
C GLN B 168 -23.89 26.42 -7.25
N GLN B 169 -23.16 27.12 -6.38
CA GLN B 169 -22.57 28.40 -6.76
C GLN B 169 -21.88 28.28 -8.12
N GLN B 170 -20.80 27.47 -8.18
CA GLN B 170 -19.99 27.34 -9.40
C GLN B 170 -20.86 26.99 -10.61
N ALA B 171 -21.83 26.09 -10.43
CA ALA B 171 -22.76 25.72 -11.50
C ALA B 171 -23.35 26.95 -12.17
N ASP B 172 -24.07 27.78 -11.39
CA ASP B 172 -24.75 28.95 -11.92
C ASP B 172 -23.83 29.82 -12.77
N ARG B 173 -22.55 29.93 -12.36
CA ARG B 173 -21.71 30.99 -12.87
C ARG B 173 -21.09 30.61 -14.20
N LEU B 174 -21.53 29.48 -14.75
CA LEU B 174 -20.80 28.79 -15.81
C LEU B 174 -21.04 29.46 -17.16
N PRO B 175 -19.99 29.70 -17.94
CA PRO B 175 -20.17 30.35 -19.24
C PRO B 175 -21.14 29.59 -20.12
N GLU B 176 -21.77 30.32 -21.02
CA GLU B 176 -22.70 29.70 -21.94
C GLU B 176 -21.95 29.10 -23.12
N VAL B 177 -22.59 28.12 -23.75
CA VAL B 177 -21.94 27.35 -24.80
C VAL B 177 -21.73 28.24 -26.02
N ARG B 178 -20.48 28.59 -26.28
CA ARG B 178 -20.07 29.38 -27.43
C ARG B 178 -20.37 28.59 -28.70
N PRO B 179 -20.29 29.22 -29.88
CA PRO B 179 -20.41 28.40 -31.11
C PRO B 179 -19.22 27.49 -31.32
N GLU B 180 -18.02 27.94 -30.94
CA GLU B 180 -16.82 27.11 -31.10
C GLU B 180 -16.80 25.92 -30.15
N ASP B 181 -17.53 26.00 -29.03
CA ASP B 181 -17.61 24.90 -28.09
C ASP B 181 -18.28 23.68 -28.72
N ARG B 182 -19.38 23.89 -29.47
CA ARG B 182 -20.11 22.76 -30.05
C ARG B 182 -19.43 22.20 -31.31
N GLU B 183 -18.82 23.06 -32.17
CA GLU B 183 -17.98 22.57 -33.25
C GLU B 183 -16.71 21.86 -32.78
N PHE B 184 -15.98 22.44 -31.82
CA PHE B 184 -14.88 21.68 -31.21
C PHE B 184 -15.34 20.31 -30.75
N ALA B 185 -16.50 20.23 -30.12
CA ALA B 185 -17.07 18.95 -29.73
C ALA B 185 -17.39 18.10 -30.95
N ARG B 186 -18.22 18.63 -31.87
CA ARG B 186 -18.55 17.89 -33.08
C ARG B 186 -17.30 17.38 -33.81
N HIS B 187 -16.18 18.09 -33.66
CA HIS B 187 -14.91 17.61 -34.19
C HIS B 187 -14.55 16.27 -33.57
N ILE B 188 -14.78 16.14 -32.26
CA ILE B 188 -14.49 14.90 -31.55
C ILE B 188 -15.37 13.73 -32.01
N ILE B 189 -16.47 13.97 -32.74
CA ILE B 189 -17.35 12.86 -33.12
C ILE B 189 -17.52 12.88 -34.63
N GLY B 190 -16.41 12.92 -35.37
CA GLY B 190 -16.54 12.98 -36.81
C GLY B 190 -16.83 11.65 -37.48
N SER B 191 -16.60 10.54 -36.77
CA SER B 191 -16.54 9.21 -37.37
C SER B 191 -17.82 8.38 -37.27
N PRO B 192 -18.56 8.39 -36.15
CA PRO B 192 -19.81 7.60 -36.09
C PRO B 192 -20.75 7.96 -37.23
N PRO B 193 -21.23 6.96 -37.99
CA PRO B 193 -22.14 7.17 -39.13
C PRO B 193 -23.53 7.66 -38.71
N SER C 15 -9.10 -10.10 -14.29
CA SER C 15 -8.96 -11.53 -14.50
C SER C 15 -7.89 -12.11 -13.57
N ASP C 16 -7.64 -11.40 -12.46
CA ASP C 16 -6.81 -11.91 -11.37
C ASP C 16 -5.44 -12.39 -11.85
N ARG C 17 -4.84 -11.69 -12.80
CA ARG C 17 -3.67 -12.32 -13.40
C ARG C 17 -2.74 -11.24 -13.92
N TYR C 18 -1.46 -11.37 -13.55
CA TYR C 18 -0.41 -10.43 -13.87
C TYR C 18 0.50 -11.04 -14.91
N PHE C 19 1.50 -10.25 -15.34
CA PHE C 19 2.36 -10.64 -16.45
C PHE C 19 3.79 -10.20 -16.15
N ALA C 20 4.69 -11.16 -16.13
CA ALA C 20 6.09 -10.93 -15.85
C ALA C 20 6.91 -11.27 -17.07
N SER C 21 8.17 -10.85 -17.06
CA SER C 21 8.98 -11.05 -18.26
C SER C 21 10.43 -10.74 -17.90
N GLY C 22 11.34 -11.61 -18.34
CA GLY C 22 12.73 -11.49 -17.92
C GLY C 22 12.91 -11.89 -16.46
N GLU C 23 14.07 -11.54 -15.93
CA GLU C 23 14.43 -11.96 -14.57
C GLU C 23 13.57 -11.21 -13.56
N VAL C 24 12.59 -11.90 -13.00
CA VAL C 24 11.67 -11.32 -12.03
C VAL C 24 11.44 -12.34 -10.93
N THR C 25 11.85 -12.00 -9.71
CA THR C 25 11.71 -12.90 -8.57
C THR C 25 10.74 -12.29 -7.57
N ILE C 26 9.75 -13.11 -7.15
CA ILE C 26 8.68 -12.67 -6.27
C ILE C 26 8.60 -13.63 -5.12
N ALA C 27 8.83 -13.16 -3.90
CA ALA C 27 8.63 -14.01 -2.74
C ALA C 27 7.21 -14.56 -2.73
N ALA C 28 7.01 -15.64 -1.97
CA ALA C 28 5.70 -16.30 -1.98
C ALA C 28 4.61 -15.43 -1.37
N ASP C 29 4.96 -14.59 -0.39
CA ASP C 29 3.98 -13.87 0.44
C ASP C 29 3.77 -12.46 -0.12
N VAL C 30 3.20 -12.40 -1.31
CA VAL C 30 3.10 -11.14 -2.05
C VAL C 30 1.78 -11.13 -2.81
N VAL C 31 1.05 -10.03 -2.74
CA VAL C 31 -0.17 -9.90 -3.52
C VAL C 31 0.12 -9.06 -4.76
N ILE C 32 -0.27 -9.57 -5.92
CA ILE C 32 -0.14 -8.82 -7.15
C ILE C 32 -1.54 -8.63 -7.71
N ALA C 33 -1.96 -7.38 -7.81
CA ALA C 33 -3.30 -7.09 -8.28
C ALA C 33 -3.43 -7.51 -9.72
N PRO C 34 -4.64 -7.55 -10.29
CA PRO C 34 -4.78 -7.85 -11.72
C PRO C 34 -4.10 -6.83 -12.63
N GLY C 35 -3.74 -7.31 -13.83
CA GLY C 35 -3.17 -6.47 -14.87
C GLY C 35 -1.83 -5.83 -14.55
N VAL C 36 -1.17 -6.24 -13.47
CA VAL C 36 0.14 -5.68 -13.16
C VAL C 36 1.16 -6.19 -14.16
N LEU C 37 1.97 -5.27 -14.70
CA LEU C 37 3.06 -5.62 -15.59
C LEU C 37 4.37 -5.49 -14.84
N LEU C 38 5.12 -6.59 -14.78
CA LEU C 38 6.44 -6.66 -14.18
C LEU C 38 7.38 -7.08 -15.30
N ILE C 39 8.28 -6.19 -15.70
CA ILE C 39 9.06 -6.43 -16.92
C ILE C 39 10.50 -6.05 -16.69
N ALA C 40 11.41 -6.98 -16.93
CA ALA C 40 12.85 -6.73 -16.86
C ALA C 40 13.40 -6.87 -18.26
N GLU C 41 14.21 -5.90 -18.67
CA GLU C 41 15.00 -6.01 -19.89
C GLU C 41 16.14 -7.00 -19.64
N ALA C 42 16.74 -7.47 -20.75
CA ALA C 42 17.65 -8.60 -20.67
C ALA C 42 18.87 -8.33 -19.80
N ASP C 43 19.25 -7.07 -19.60
CA ASP C 43 20.32 -6.71 -18.68
C ASP C 43 19.81 -6.32 -17.29
N SER C 44 18.54 -6.61 -16.99
CA SER C 44 17.89 -6.03 -15.83
C SER C 44 17.20 -7.14 -15.05
N ARG C 45 16.59 -6.76 -13.93
CA ARG C 45 15.87 -7.71 -13.09
C ARG C 45 14.95 -6.95 -12.13
N ILE C 46 13.88 -7.62 -11.70
CA ILE C 46 12.96 -7.10 -10.70
C ILE C 46 12.96 -8.06 -9.53
N GLU C 47 13.15 -7.53 -8.33
CA GLU C 47 13.15 -8.37 -7.14
C GLU C 47 12.12 -7.80 -6.18
N ILE C 48 11.10 -8.61 -5.86
CA ILE C 48 10.01 -8.17 -4.97
C ILE C 48 10.08 -8.95 -3.66
N ALA C 49 10.28 -8.20 -2.56
CA ALA C 49 10.44 -8.77 -1.23
C ALA C 49 9.11 -9.27 -0.69
N SER C 50 9.16 -9.86 0.50
CA SER C 50 7.97 -10.51 1.02
C SER C 50 7.02 -9.50 1.67
N GLY C 51 5.75 -9.88 1.75
CA GLY C 51 4.70 -8.98 2.19
C GLY C 51 4.61 -7.68 1.40
N VAL C 52 4.56 -7.79 0.09
CA VAL C 52 4.48 -6.60 -0.75
C VAL C 52 3.18 -6.69 -1.52
N CYS C 53 2.52 -5.55 -1.70
CA CYS C 53 1.29 -5.51 -2.49
C CYS C 53 1.48 -4.53 -3.63
N ILE C 54 1.10 -4.94 -4.83
CA ILE C 54 1.21 -4.09 -6.00
C ILE C 54 -0.20 -3.83 -6.51
N GLY C 55 -0.57 -2.54 -6.53
CA GLY C 55 -1.93 -2.16 -6.86
C GLY C 55 -2.29 -2.48 -8.30
N LEU C 56 -3.61 -2.56 -8.51
CA LEU C 56 -4.22 -2.79 -9.81
C LEU C 56 -3.51 -2.01 -10.90
N GLY C 57 -3.16 -2.71 -11.98
CA GLY C 57 -2.64 -2.06 -13.18
C GLY C 57 -1.26 -1.45 -13.08
N SER C 58 -0.53 -1.66 -11.99
CA SER C 58 0.79 -1.06 -11.89
C SER C 58 1.71 -1.68 -12.93
N VAL C 59 2.65 -0.85 -13.40
CA VAL C 59 3.65 -1.28 -14.39
C VAL C 59 5.02 -1.08 -13.76
N ILE C 60 5.82 -2.13 -13.70
CA ILE C 60 7.21 -2.00 -13.24
C ILE C 60 8.12 -2.53 -14.33
N HIS C 61 9.07 -1.69 -14.76
CA HIS C 61 9.93 -1.97 -15.91
C HIS C 61 11.38 -1.62 -15.55
N ALA C 62 12.22 -2.64 -15.36
CA ALA C 62 13.63 -2.44 -15.05
C ALA C 62 14.46 -2.24 -16.32
N ARG C 63 15.29 -1.21 -16.31
CA ARG C 63 16.07 -0.80 -17.48
C ARG C 63 17.45 -0.35 -17.00
N GLY C 64 18.48 -1.12 -17.34
CA GLY C 64 19.83 -0.75 -16.96
C GLY C 64 20.14 -0.98 -15.49
N GLY C 65 19.66 -2.06 -14.92
CA GLY C 65 19.92 -2.35 -13.55
C GLY C 65 18.72 -3.07 -12.93
N ALA C 66 18.54 -2.83 -11.63
CA ALA C 66 17.51 -3.54 -10.87
C ALA C 66 16.42 -2.59 -10.39
N ILE C 67 15.20 -3.10 -10.32
CA ILE C 67 14.17 -2.53 -9.47
C ILE C 67 13.95 -3.50 -8.31
N ILE C 68 14.15 -3.00 -7.10
CA ILE C 68 14.02 -3.78 -5.87
C ILE C 68 12.89 -3.18 -5.05
N ILE C 69 11.78 -3.89 -4.98
CA ILE C 69 10.70 -3.55 -4.06
C ILE C 69 10.93 -4.32 -2.76
N GLN C 70 11.34 -3.60 -1.70
CA GLN C 70 11.71 -4.18 -0.41
C GLN C 70 10.48 -4.49 0.45
N ALA C 71 10.73 -5.17 1.57
CA ALA C 71 9.70 -5.94 2.28
C ALA C 71 8.62 -5.03 2.83
N GLY C 72 7.36 -5.44 2.62
CA GLY C 72 6.29 -4.63 3.16
C GLY C 72 5.96 -3.37 2.39
N ALA C 73 6.61 -3.12 1.26
CA ALA C 73 6.29 -1.93 0.49
C ALA C 73 4.91 -2.08 -0.15
N LEU C 74 4.16 -0.98 -0.20
CA LEU C 74 2.81 -0.97 -0.74
C LEU C 74 2.74 -0.02 -1.93
N LEU C 75 2.45 -0.58 -3.11
CA LEU C 75 2.16 0.21 -4.29
C LEU C 75 0.66 0.19 -4.56
N ALA C 76 0.05 1.37 -4.60
CA ALA C 76 -1.35 1.55 -4.96
C ALA C 76 -1.56 1.30 -6.47
N ALA C 77 -2.81 1.37 -6.90
CA ALA C 77 -3.11 1.20 -8.32
C ALA C 77 -2.48 2.31 -9.13
N GLY C 78 -2.04 1.94 -10.34
CA GLY C 78 -1.57 2.88 -11.33
C GLY C 78 -0.12 3.25 -11.24
N VAL C 79 0.63 2.63 -10.32
CA VAL C 79 2.01 3.00 -10.13
C VAL C 79 2.82 2.61 -11.37
N LEU C 80 3.87 3.37 -11.63
CA LEU C 80 4.77 3.10 -12.74
C LEU C 80 6.18 3.41 -12.29
N ILE C 81 7.05 2.39 -12.25
CA ILE C 81 8.44 2.55 -11.84
C ILE C 81 9.34 2.12 -12.99
N VAL C 82 10.23 3.03 -13.42
CA VAL C 82 10.96 2.92 -14.67
C VAL C 82 12.45 3.09 -14.43
N GLY C 83 13.24 2.12 -14.90
CA GLY C 83 14.68 2.24 -14.87
C GLY C 83 15.31 1.34 -13.83
N GLN C 84 15.93 1.94 -12.83
CA GLN C 84 16.43 1.17 -11.71
C GLN C 84 16.11 1.88 -10.40
N SER C 85 15.58 1.14 -9.44
CA SER C 85 15.03 1.79 -8.28
C SER C 85 15.03 0.84 -7.11
N ILE C 86 15.20 1.40 -5.92
CA ILE C 86 14.96 0.66 -4.70
C ILE C 86 13.82 1.34 -3.97
N VAL C 87 12.76 0.59 -3.72
CA VAL C 87 11.65 1.04 -2.88
C VAL C 87 11.85 0.37 -1.52
N GLY C 88 12.11 1.19 -0.49
CA GLY C 88 12.47 0.68 0.82
C GLY C 88 11.34 -0.04 1.51
N ARG C 89 11.70 -0.77 2.57
CA ARG C 89 10.76 -1.37 3.51
C ARG C 89 9.56 -0.47 3.81
N GLN C 90 8.36 -1.04 3.74
CA GLN C 90 7.14 -0.41 4.23
C GLN C 90 6.79 0.91 3.55
N ALA C 91 7.47 1.25 2.45
CA ALA C 91 7.14 2.47 1.72
C ALA C 91 5.74 2.36 1.16
N CYS C 92 5.07 3.50 1.03
CA CYS C 92 3.75 3.53 0.43
C CYS C 92 3.79 4.42 -0.80
N LEU C 93 3.47 3.84 -1.96
CA LEU C 93 3.37 4.61 -3.19
C LEU C 93 1.89 4.83 -3.49
N GLY C 94 1.45 6.08 -3.35
CA GLY C 94 0.05 6.38 -3.61
C GLY C 94 -0.35 6.18 -5.07
N ALA C 95 -1.66 6.07 -5.27
CA ALA C 95 -2.25 5.84 -6.58
C ALA C 95 -1.58 6.67 -7.66
N SER C 96 -1.06 5.99 -8.67
CA SER C 96 -0.55 6.61 -9.89
C SER C 96 0.81 7.25 -9.64
N THR C 97 1.42 6.99 -8.49
CA THR C 97 2.82 7.36 -8.29
C THR C 97 3.67 6.88 -9.45
N THR C 98 4.59 7.73 -9.87
CA THR C 98 5.40 7.53 -11.06
C THR C 98 6.85 7.82 -10.72
N LEU C 99 7.70 6.79 -10.80
CA LEU C 99 9.14 6.92 -10.48
C LEU C 99 9.99 6.59 -11.69
N VAL C 100 10.91 7.48 -12.05
CA VAL C 100 11.78 7.23 -13.19
C VAL C 100 13.20 7.41 -12.68
N ASN C 101 13.97 6.32 -12.64
CA ASN C 101 15.31 6.31 -12.06
C ASN C 101 15.37 7.10 -10.75
N THR C 102 14.61 6.63 -9.75
CA THR C 102 14.59 7.24 -8.41
C THR C 102 14.22 6.19 -7.37
N SER C 103 14.88 6.25 -6.23
CA SER C 103 14.54 5.35 -5.14
C SER C 103 13.66 6.04 -4.08
N ILE C 104 13.07 5.21 -3.24
CA ILE C 104 12.34 5.68 -2.08
C ILE C 104 12.99 5.05 -0.87
N GLU C 105 13.35 5.88 0.09
CA GLU C 105 13.90 5.42 1.36
C GLU C 105 12.85 4.62 2.14
N ALA C 106 13.33 3.82 3.09
CA ALA C 106 12.46 2.97 3.89
C ALA C 106 11.46 3.78 4.71
N GLY C 107 10.23 3.28 4.78
CA GLY C 107 9.15 4.01 5.38
C GLY C 107 8.62 5.13 4.55
N GLY C 108 9.33 5.49 3.46
CA GLY C 108 8.99 6.59 2.61
C GLY C 108 7.57 6.54 2.09
N VAL C 109 6.87 7.64 2.20
CA VAL C 109 5.50 7.67 1.73
C VAL C 109 5.40 8.65 0.57
N THR C 110 4.51 8.35 -0.37
CA THR C 110 4.36 9.11 -1.60
C THR C 110 2.90 9.39 -1.91
N ALA C 111 2.55 10.68 -1.99
CA ALA C 111 1.18 11.07 -2.21
C ALA C 111 0.74 10.69 -3.61
N PRO C 112 -0.54 10.33 -3.78
CA PRO C 112 -1.01 9.91 -5.11
C PRO C 112 -0.79 11.01 -6.14
N GLY C 113 -0.52 10.59 -7.36
CA GLY C 113 -0.16 11.51 -8.43
C GLY C 113 1.28 11.99 -8.40
N SER C 114 2.07 11.56 -7.42
CA SER C 114 3.45 12.04 -7.32
C SER C 114 4.27 11.53 -8.48
N LEU C 115 5.16 12.40 -8.95
CA LEU C 115 6.08 12.10 -10.03
C LEU C 115 7.48 12.45 -9.55
N LEU C 116 8.41 11.51 -9.68
CA LEU C 116 9.78 11.74 -9.25
C LEU C 116 10.68 11.11 -10.29
N SER C 117 11.46 11.92 -11.00
CA SER C 117 12.32 11.39 -12.03
C SER C 117 13.65 12.11 -12.01
N ALA C 118 14.71 11.37 -12.36
CA ALA C 118 16.05 11.91 -12.51
C ALA C 118 16.82 11.07 -13.52
N GLU C 119 18.14 10.96 -13.34
CA GLU C 119 19.00 10.21 -14.24
C GLU C 119 20.22 9.69 -13.48
N THR C 120 20.73 8.55 -13.92
CA THR C 120 21.83 7.88 -13.23
C THR C 120 23.18 8.08 -13.94
N SER D 15 0.45 -17.87 9.86
CA SER D 15 -0.81 -18.00 9.13
C SER D 15 -1.25 -16.64 8.61
N ASP D 16 -2.10 -16.67 7.59
CA ASP D 16 -2.48 -15.52 6.77
C ASP D 16 -3.68 -14.74 7.32
N ARG D 17 -4.24 -15.14 8.46
CA ARG D 17 -5.57 -14.69 8.85
C ARG D 17 -5.56 -13.35 9.59
N TYR D 18 -6.62 -12.60 9.41
CA TYR D 18 -6.93 -11.47 10.28
C TYR D 18 -8.17 -11.78 11.09
N PHE D 19 -8.52 -10.85 11.98
CA PHE D 19 -9.60 -11.04 12.92
C PHE D 19 -10.44 -9.78 12.96
N ALA D 20 -11.75 -9.97 12.91
CA ALA D 20 -12.71 -8.88 12.92
C ALA D 20 -13.79 -9.16 13.95
N SER D 21 -14.40 -8.10 14.47
CA SER D 21 -15.40 -8.25 15.52
C SER D 21 -16.30 -7.03 15.51
N GLY D 22 -17.60 -7.25 15.45
CA GLY D 22 -18.53 -6.15 15.40
C GLY D 22 -18.92 -5.84 13.98
N GLU D 23 -19.48 -4.65 13.80
CA GLU D 23 -19.95 -4.24 12.48
C GLU D 23 -18.73 -3.80 11.64
N VAL D 24 -18.16 -4.75 10.93
CA VAL D 24 -17.07 -4.49 10.00
C VAL D 24 -17.55 -4.93 8.64
N THR D 25 -17.51 -4.02 7.67
CA THR D 25 -17.80 -4.35 6.27
C THR D 25 -16.55 -4.09 5.45
N ILE D 26 -16.16 -5.07 4.63
CA ILE D 26 -14.94 -5.01 3.83
C ILE D 26 -15.31 -5.26 2.37
N ALA D 27 -14.82 -4.40 1.48
CA ALA D 27 -14.99 -4.63 0.06
C ALA D 27 -14.12 -5.80 -0.42
N ALA D 28 -14.52 -6.41 -1.55
CA ALA D 28 -14.02 -7.75 -1.92
C ALA D 28 -12.55 -7.75 -2.33
N ASP D 29 -12.09 -6.66 -2.96
CA ASP D 29 -10.73 -6.54 -3.44
C ASP D 29 -9.82 -5.80 -2.46
N VAL D 30 -10.20 -5.73 -1.20
CA VAL D 30 -9.32 -5.20 -0.17
C VAL D 30 -8.27 -6.26 0.14
N VAL D 31 -7.02 -5.84 0.28
CA VAL D 31 -5.94 -6.69 0.77
C VAL D 31 -5.71 -6.36 2.22
N ILE D 32 -5.84 -7.36 3.08
CA ILE D 32 -5.63 -7.22 4.51
C ILE D 32 -4.51 -8.15 4.91
N ALA D 33 -3.49 -7.60 5.56
CA ALA D 33 -2.32 -8.39 5.93
C ALA D 33 -2.62 -9.32 7.11
N PRO D 34 -1.70 -10.23 7.41
CA PRO D 34 -1.93 -11.15 8.53
C PRO D 34 -1.83 -10.47 9.89
N GLY D 35 -2.58 -11.01 10.84
CA GLY D 35 -2.57 -10.53 12.20
C GLY D 35 -3.18 -9.18 12.37
N VAL D 36 -3.92 -8.70 11.39
CA VAL D 36 -4.63 -7.43 11.56
C VAL D 36 -5.83 -7.66 12.45
N LEU D 37 -6.10 -6.67 13.30
CA LEU D 37 -7.30 -6.64 14.13
C LEU D 37 -8.20 -5.54 13.62
N LEU D 38 -9.46 -5.87 13.39
CA LEU D 38 -10.46 -4.91 12.95
C LEU D 38 -11.62 -5.07 13.93
N ILE D 39 -11.61 -4.30 15.00
CA ILE D 39 -12.60 -4.43 16.07
C ILE D 39 -13.43 -3.16 16.16
N ALA D 40 -14.75 -3.33 16.10
CA ALA D 40 -15.70 -2.25 16.30
C ALA D 40 -16.52 -2.56 17.54
N GLU D 41 -16.58 -1.59 18.47
CA GLU D 41 -17.43 -1.67 19.64
C GLU D 41 -18.88 -1.73 19.18
N ALA D 42 -19.81 -1.86 20.14
CA ALA D 42 -21.19 -2.18 19.79
C ALA D 42 -21.90 -0.99 19.16
N ASP D 43 -21.68 0.20 19.71
CA ASP D 43 -22.35 1.38 19.18
C ASP D 43 -21.69 1.90 17.92
N SER D 44 -20.64 1.22 17.43
CA SER D 44 -19.75 1.77 16.43
C SER D 44 -19.45 0.70 15.38
N ARG D 45 -18.68 1.08 14.35
CA ARG D 45 -18.53 0.27 13.14
C ARG D 45 -17.24 0.63 12.39
N ILE D 46 -16.82 -0.30 11.54
CA ILE D 46 -15.67 -0.10 10.67
C ILE D 46 -16.11 -0.33 9.22
N GLU D 47 -15.65 0.53 8.32
CA GLU D 47 -15.95 0.42 6.90
C GLU D 47 -14.65 0.53 6.09
N ILE D 48 -14.41 -0.44 5.23
CA ILE D 48 -13.20 -0.43 4.40
C ILE D 48 -13.62 -0.49 2.94
N ALA D 49 -13.31 0.57 2.20
CA ALA D 49 -13.68 0.67 0.80
C ALA D 49 -12.78 -0.25 -0.04
N SER D 50 -13.04 -0.27 -1.34
CA SER D 50 -12.31 -1.18 -2.21
C SER D 50 -10.96 -0.59 -2.63
N GLY D 51 -10.02 -1.49 -2.95
CA GLY D 51 -8.68 -1.14 -3.35
C GLY D 51 -7.72 -0.82 -2.22
N VAL D 52 -8.15 -1.00 -0.97
CA VAL D 52 -7.37 -0.62 0.20
C VAL D 52 -6.38 -1.72 0.56
N CYS D 53 -5.25 -1.32 1.11
CA CYS D 53 -4.30 -2.27 1.69
C CYS D 53 -4.03 -1.92 3.14
N ILE D 54 -4.27 -2.88 4.03
CA ILE D 54 -3.92 -2.72 5.42
C ILE D 54 -2.68 -3.56 5.68
N GLY D 55 -1.60 -2.88 6.06
CA GLY D 55 -0.35 -3.55 6.36
C GLY D 55 -0.45 -4.44 7.58
N LEU D 56 0.58 -5.27 7.69
CA LEU D 56 0.69 -6.27 8.74
C LEU D 56 0.56 -5.69 10.15
N GLY D 57 -0.12 -6.46 11.01
CA GLY D 57 -0.27 -6.14 12.42
C GLY D 57 -1.15 -4.94 12.73
N SER D 58 -1.72 -4.28 11.74
CA SER D 58 -2.44 -3.04 12.03
C SER D 58 -3.65 -3.34 12.91
N VAL D 59 -4.00 -2.38 13.75
CA VAL D 59 -5.12 -2.48 14.68
C VAL D 59 -6.04 -1.27 14.45
N ILE D 60 -7.29 -1.55 14.09
CA ILE D 60 -8.29 -0.50 13.93
C ILE D 60 -9.41 -0.81 14.90
N HIS D 61 -9.80 0.19 15.69
CA HIS D 61 -10.75 0.00 16.78
C HIS D 61 -11.68 1.21 16.85
N ALA D 62 -12.89 1.06 16.29
CA ALA D 62 -13.90 2.11 16.36
C ALA D 62 -14.61 2.08 17.72
N ARG D 63 -14.87 3.27 18.28
CA ARG D 63 -15.33 3.33 19.65
C ARG D 63 -16.65 4.10 19.75
N GLY D 64 -16.63 5.40 19.45
CA GLY D 64 -17.86 6.17 19.55
C GLY D 64 -18.46 6.49 18.21
N GLY D 65 -18.43 5.56 17.28
CA GLY D 65 -18.85 5.85 15.94
C GLY D 65 -17.92 5.19 14.93
N ALA D 66 -18.01 5.63 13.68
CA ALA D 66 -17.46 4.86 12.57
C ALA D 66 -15.99 5.15 12.31
N ILE D 67 -15.27 4.14 11.83
CA ILE D 67 -13.98 4.32 11.19
C ILE D 67 -14.14 3.93 9.73
N ILE D 68 -13.90 4.89 8.83
CA ILE D 68 -14.09 4.70 7.40
C ILE D 68 -12.72 4.72 6.72
N ILE D 69 -12.30 3.62 6.13
CA ILE D 69 -11.12 3.63 5.26
C ILE D 69 -11.58 3.65 3.81
N GLN D 70 -11.39 4.78 3.13
CA GLN D 70 -11.93 4.97 1.81
C GLN D 70 -11.00 4.40 0.73
N ALA D 71 -11.43 4.57 -0.53
CA ALA D 71 -10.96 3.76 -1.64
C ALA D 71 -9.47 3.95 -1.93
N GLY D 72 -8.80 2.84 -2.23
CA GLY D 72 -7.42 2.88 -2.63
C GLY D 72 -6.45 3.49 -1.64
N ALA D 73 -6.85 3.64 -0.38
CA ALA D 73 -5.89 4.07 0.63
C ALA D 73 -4.94 2.92 0.97
N LEU D 74 -3.76 3.27 1.47
CA LEU D 74 -2.78 2.30 1.90
C LEU D 74 -2.43 2.57 3.35
N LEU D 75 -2.42 1.51 4.15
CA LEU D 75 -2.02 1.56 5.54
C LEU D 75 -0.81 0.66 5.69
N ALA D 76 0.29 1.20 6.18
CA ALA D 76 1.50 0.42 6.36
C ALA D 76 1.40 -0.49 7.58
N ALA D 77 2.48 -1.23 7.86
CA ALA D 77 2.48 -2.17 8.97
C ALA D 77 2.46 -1.42 10.31
N GLY D 78 1.79 -2.02 11.29
CA GLY D 78 1.78 -1.43 12.61
C GLY D 78 0.94 -0.18 12.75
N VAL D 79 0.01 0.05 11.85
CA VAL D 79 -0.89 1.19 12.03
C VAL D 79 -1.86 0.91 13.18
N LEU D 80 -2.23 1.96 13.89
CA LEU D 80 -3.24 1.90 14.92
C LEU D 80 -4.21 3.06 14.70
N ILE D 81 -5.49 2.74 14.57
CA ILE D 81 -6.55 3.75 14.48
C ILE D 81 -7.58 3.48 15.56
N VAL D 82 -7.87 4.50 16.38
CA VAL D 82 -8.73 4.37 17.56
C VAL D 82 -9.76 5.48 17.54
N GLY D 83 -10.96 5.17 18.01
CA GLY D 83 -11.99 6.20 18.14
C GLY D 83 -12.85 6.26 16.91
N GLN D 84 -13.09 7.47 16.41
CA GLN D 84 -13.74 7.66 15.11
C GLN D 84 -12.82 8.43 14.18
N SER D 85 -12.86 8.07 12.91
CA SER D 85 -11.93 8.64 11.94
C SER D 85 -12.39 8.32 10.52
N ILE D 86 -12.12 9.24 9.60
CA ILE D 86 -12.17 8.96 8.17
C ILE D 86 -10.76 9.08 7.62
N VAL D 87 -10.30 8.02 6.95
CA VAL D 87 -9.02 8.03 6.25
C VAL D 87 -9.31 8.19 4.76
N GLY D 88 -8.98 9.37 4.23
CA GLY D 88 -9.54 9.79 2.96
C GLY D 88 -9.08 8.94 1.79
N ARG D 89 -9.86 9.04 0.71
CA ARG D 89 -9.59 8.38 -0.56
C ARG D 89 -8.12 8.44 -0.92
N GLN D 90 -7.51 7.26 -1.07
CA GLN D 90 -6.15 7.07 -1.57
C GLN D 90 -5.10 7.75 -0.71
N ALA D 91 -5.39 7.99 0.57
CA ALA D 91 -4.35 8.49 1.45
C ALA D 91 -3.42 7.35 1.82
N CYS D 92 -2.23 7.71 2.30
CA CYS D 92 -1.18 6.75 2.65
C CYS D 92 -0.69 7.01 4.05
N LEU D 93 -0.74 6.00 4.92
CA LEU D 93 -0.30 6.15 6.30
C LEU D 93 1.01 5.39 6.49
N GLY D 94 2.08 6.12 6.78
CA GLY D 94 3.37 5.53 7.06
C GLY D 94 3.33 4.40 8.07
N ALA D 95 4.41 3.64 8.18
CA ALA D 95 4.46 2.56 9.15
C ALA D 95 4.32 3.10 10.56
N SER D 96 3.69 2.31 11.41
CA SER D 96 3.52 2.61 12.83
C SER D 96 2.77 3.92 13.05
N THR D 97 2.07 4.41 12.04
CA THR D 97 1.24 5.60 12.23
C THR D 97 0.22 5.33 13.34
N THR D 98 -0.10 6.35 14.11
CA THR D 98 -1.04 6.20 15.23
C THR D 98 -2.04 7.37 15.20
N LEU D 99 -3.29 7.05 14.88
CA LEU D 99 -4.36 8.02 14.72
C LEU D 99 -5.38 7.77 15.82
N VAL D 100 -5.59 8.76 16.68
CA VAL D 100 -6.57 8.68 17.76
C VAL D 100 -7.51 9.86 17.62
N ASN D 101 -8.76 9.59 17.26
CA ASN D 101 -9.80 10.61 17.14
C ASN D 101 -9.41 11.74 16.17
N THR D 102 -8.69 11.38 15.10
CA THR D 102 -8.24 12.33 14.10
C THR D 102 -8.34 11.69 12.72
N SER D 103 -8.52 12.53 11.69
CA SER D 103 -8.85 12.08 10.35
C SER D 103 -7.76 12.47 9.34
N ILE D 104 -7.75 11.78 8.20
CA ILE D 104 -6.79 12.03 7.12
C ILE D 104 -7.56 12.45 5.87
N GLU D 105 -7.23 13.63 5.34
CA GLU D 105 -7.77 14.10 4.06
C GLU D 105 -7.45 13.12 2.93
N ALA D 106 -8.19 13.23 1.84
CA ALA D 106 -7.89 12.42 0.66
C ALA D 106 -6.52 12.81 0.09
N GLY D 107 -5.75 11.80 -0.32
CA GLY D 107 -4.40 12.04 -0.78
C GLY D 107 -3.42 12.48 0.29
N GLY D 108 -3.85 12.53 1.56
CA GLY D 108 -2.94 12.87 2.63
C GLY D 108 -1.95 11.76 2.93
N VAL D 109 -0.87 12.13 3.61
CA VAL D 109 0.21 11.19 3.88
C VAL D 109 0.71 11.44 5.30
N THR D 110 0.96 10.36 6.04
CA THR D 110 1.64 10.46 7.33
C THR D 110 3.04 9.86 7.25
N ALA D 111 4.02 10.58 7.81
CA ALA D 111 5.35 10.02 7.92
C ALA D 111 5.31 8.81 8.86
N PRO D 112 6.19 7.83 8.64
CA PRO D 112 6.25 6.69 9.56
C PRO D 112 6.46 7.14 10.99
N GLY D 113 5.93 6.35 11.91
CA GLY D 113 6.00 6.68 13.32
C GLY D 113 5.30 7.96 13.70
N SER D 114 4.42 8.47 12.85
CA SER D 114 3.78 9.72 13.24
C SER D 114 2.57 9.45 14.13
N LEU D 115 2.21 10.44 14.92
CA LEU D 115 1.13 10.32 15.90
C LEU D 115 0.23 11.53 15.81
N LEU D 116 -0.99 11.34 15.35
CA LEU D 116 -1.98 12.39 15.35
C LEU D 116 -3.06 11.99 16.34
N SER D 117 -3.41 12.91 17.24
CA SER D 117 -4.29 12.60 18.35
C SER D 117 -5.00 13.87 18.79
N ALA D 118 -6.27 13.73 19.13
CA ALA D 118 -7.09 14.82 19.65
C ALA D 118 -7.73 14.42 20.98
N GLN E 2 -2.52 14.38 -3.43
CA GLN E 2 -2.46 15.79 -3.80
C GLN E 2 -3.53 16.12 -4.87
N SER E 3 -3.13 16.90 -5.88
CA SER E 3 -4.05 17.39 -6.90
C SER E 3 -4.20 16.37 -8.04
N ASN E 4 -5.23 16.61 -8.87
CA ASN E 4 -5.53 15.79 -10.05
C ASN E 4 -5.92 14.37 -9.67
N MET E 5 -6.77 14.24 -8.65
CA MET E 5 -7.28 12.93 -8.28
C MET E 5 -8.81 12.93 -8.25
N HIS E 6 -9.43 13.94 -8.85
CA HIS E 6 -10.83 13.90 -9.24
C HIS E 6 -11.10 12.94 -10.38
N LEU E 7 -10.06 12.37 -10.99
CA LEU E 7 -10.20 11.60 -12.22
C LEU E 7 -10.80 10.22 -11.90
N PRO E 8 -11.37 9.56 -12.94
CA PRO E 8 -12.07 8.30 -12.66
C PRO E 8 -11.14 7.21 -12.21
N PRO E 9 -11.65 6.31 -11.37
CA PRO E 9 -10.81 5.18 -10.93
C PRO E 9 -10.56 4.19 -12.05
N LEU E 10 -9.48 3.46 -11.89
CA LEU E 10 -9.12 2.42 -12.83
C LEU E 10 -9.91 1.15 -12.53
N GLU E 11 -10.66 0.64 -13.51
CA GLU E 11 -11.34 -0.64 -13.31
C GLU E 11 -10.38 -1.79 -13.64
N PRO E 12 -10.65 -2.99 -13.12
CA PRO E 12 -9.88 -4.17 -13.52
C PRO E 12 -10.36 -4.73 -14.85
N PRO E 13 -9.62 -5.66 -15.43
CA PRO E 13 -10.04 -6.24 -16.73
C PRO E 13 -11.08 -7.34 -16.54
N ILE E 14 -11.74 -7.69 -17.65
CA ILE E 14 -12.76 -8.73 -17.67
C ILE E 14 -12.26 -9.99 -18.38
N SER E 15 -11.51 -9.82 -19.46
CA SER E 15 -10.77 -10.88 -20.12
C SER E 15 -9.30 -10.75 -19.73
N ASP E 16 -8.49 -11.70 -20.22
CA ASP E 16 -7.04 -11.62 -20.16
C ASP E 16 -6.44 -10.95 -21.41
N ARG E 17 -7.27 -10.29 -22.22
CA ARG E 17 -7.07 -10.15 -23.65
C ARG E 17 -7.39 -8.71 -23.96
N TYR E 18 -6.50 -8.02 -24.69
CA TYR E 18 -6.75 -6.68 -25.20
C TYR E 18 -7.51 -6.76 -26.52
N PHE E 19 -7.73 -5.62 -27.21
CA PHE E 19 -8.58 -5.58 -28.40
C PHE E 19 -8.06 -4.55 -29.39
N ALA E 20 -7.98 -4.94 -30.66
CA ALA E 20 -7.54 -4.07 -31.75
C ALA E 20 -8.63 -3.98 -32.81
N SER E 21 -8.77 -2.81 -33.39
CA SER E 21 -9.68 -2.63 -34.51
C SER E 21 -9.07 -1.62 -35.46
N GLY E 22 -9.04 -1.96 -36.72
CA GLY E 22 -8.31 -1.19 -37.70
C GLY E 22 -6.95 -1.81 -37.98
N GLU E 23 -6.08 -1.01 -38.58
CA GLU E 23 -4.79 -1.48 -39.09
C GLU E 23 -3.71 -1.17 -38.06
N VAL E 24 -3.09 -2.21 -37.52
CA VAL E 24 -2.20 -2.02 -36.37
C VAL E 24 -0.96 -2.85 -36.57
N THR E 25 0.23 -2.27 -36.39
CA THR E 25 1.44 -3.06 -36.33
C THR E 25 2.06 -3.00 -34.93
N ILE E 26 2.50 -4.16 -34.45
CA ILE E 26 3.05 -4.31 -33.11
C ILE E 26 4.33 -5.15 -33.18
N ALA E 27 5.38 -4.66 -32.53
CA ALA E 27 6.62 -5.43 -32.38
C ALA E 27 6.42 -6.67 -31.51
N ALA E 28 7.07 -7.78 -31.92
CA ALA E 28 6.86 -9.08 -31.29
C ALA E 28 6.98 -9.05 -29.77
N ASP E 29 7.93 -8.27 -29.24
CA ASP E 29 8.26 -8.24 -27.81
C ASP E 29 7.51 -7.16 -27.03
N VAL E 30 6.55 -6.47 -27.65
CA VAL E 30 5.67 -5.58 -26.91
C VAL E 30 4.92 -6.37 -25.87
N VAL E 31 4.48 -5.70 -24.81
CA VAL E 31 3.51 -6.26 -23.85
C VAL E 31 2.35 -5.27 -23.60
N ILE E 32 1.14 -5.71 -23.95
CA ILE E 32 -0.09 -4.92 -23.83
C ILE E 32 -0.98 -5.54 -22.75
N ALA E 33 -1.29 -4.77 -21.72
CA ALA E 33 -2.13 -5.26 -20.62
C ALA E 33 -3.54 -5.54 -21.10
N PRO E 34 -4.25 -6.45 -20.44
CA PRO E 34 -5.62 -6.80 -20.86
C PRO E 34 -6.58 -5.63 -20.86
N GLY E 35 -7.59 -5.71 -21.73
CA GLY E 35 -8.61 -4.69 -21.81
C GLY E 35 -8.13 -3.40 -22.41
N VAL E 36 -6.94 -3.40 -22.99
CA VAL E 36 -6.45 -2.25 -23.73
C VAL E 36 -7.06 -2.25 -25.12
N LEU E 37 -7.56 -1.09 -25.54
CA LEU E 37 -8.23 -0.94 -26.82
C LEU E 37 -7.31 -0.19 -27.77
N LEU E 38 -7.11 -0.75 -28.97
CA LEU E 38 -6.35 -0.10 -30.03
C LEU E 38 -7.29 0.06 -31.22
N ILE E 39 -7.77 1.27 -31.44
CA ILE E 39 -8.69 1.54 -32.55
C ILE E 39 -8.00 2.46 -33.54
N ALA E 40 -8.03 2.07 -34.81
CA ALA E 40 -7.54 2.88 -35.91
C ALA E 40 -8.70 3.09 -36.86
N GLU E 41 -9.05 4.35 -37.12
CA GLU E 41 -10.05 4.66 -38.13
C GLU E 41 -9.45 4.43 -39.52
N ALA E 42 -10.35 4.45 -40.53
CA ALA E 42 -10.01 3.93 -41.85
C ALA E 42 -8.91 4.71 -42.52
N ASP E 43 -8.77 5.98 -42.17
CA ASP E 43 -7.66 6.81 -42.66
C ASP E 43 -6.39 6.63 -41.83
N SER E 44 -6.29 5.61 -40.98
CA SER E 44 -5.41 5.70 -39.83
C SER E 44 -4.75 4.36 -39.50
N ARG E 45 -3.72 4.42 -38.66
CA ARG E 45 -3.00 3.22 -38.29
C ARG E 45 -2.27 3.42 -36.96
N ILE E 46 -2.08 2.32 -36.23
CA ILE E 46 -1.35 2.35 -34.97
C ILE E 46 -0.07 1.52 -35.13
N GLU E 47 1.05 2.10 -34.75
CA GLU E 47 2.35 1.46 -34.81
C GLU E 47 2.94 1.41 -33.41
N ILE E 48 3.14 0.19 -32.89
CA ILE E 48 3.73 0.00 -31.57
C ILE E 48 5.09 -0.67 -31.77
N ALA E 49 6.15 0.05 -31.41
CA ALA E 49 7.51 -0.39 -31.66
C ALA E 49 8.03 -1.26 -30.50
N SER E 50 9.29 -1.67 -30.60
CA SER E 50 9.85 -2.67 -29.70
C SER E 50 9.98 -2.13 -28.28
N GLY E 51 9.87 -3.05 -27.32
CA GLY E 51 10.00 -2.71 -25.93
C GLY E 51 8.80 -2.02 -25.32
N VAL E 52 7.84 -1.54 -26.12
CA VAL E 52 6.76 -0.74 -25.56
C VAL E 52 5.90 -1.59 -24.62
N CYS E 53 5.47 -0.99 -23.51
CA CYS E 53 4.49 -1.60 -22.61
C CYS E 53 3.34 -0.63 -22.43
N ILE E 54 2.11 -1.13 -22.54
CA ILE E 54 0.92 -0.30 -22.36
C ILE E 54 0.15 -0.79 -21.13
N GLY E 55 -0.03 0.09 -20.16
CA GLY E 55 -0.67 -0.29 -18.92
C GLY E 55 -2.14 -0.65 -19.09
N LEU E 56 -2.70 -1.16 -17.98
CA LEU E 56 -4.08 -1.61 -17.91
C LEU E 56 -5.04 -0.49 -18.28
N GLY E 57 -6.09 -0.82 -19.04
CA GLY E 57 -7.15 0.12 -19.34
C GLY E 57 -6.73 1.31 -20.18
N SER E 58 -5.78 1.13 -21.10
CA SER E 58 -5.37 2.25 -21.94
C SER E 58 -6.10 2.19 -23.25
N VAL E 59 -6.36 3.37 -23.83
CA VAL E 59 -7.07 3.48 -25.10
C VAL E 59 -6.24 4.30 -26.06
N ILE E 60 -5.95 3.72 -27.22
CA ILE E 60 -5.28 4.38 -28.33
C ILE E 60 -6.26 4.44 -29.49
N HIS E 61 -6.56 5.65 -29.96
CA HIS E 61 -7.57 5.85 -30.99
C HIS E 61 -6.97 6.74 -32.07
N ALA E 62 -6.43 6.14 -33.12
CA ALA E 62 -5.94 6.90 -34.26
C ALA E 62 -7.10 7.29 -35.16
N ARG E 63 -7.18 8.59 -35.45
CA ARG E 63 -8.07 9.18 -36.45
C ARG E 63 -7.30 10.27 -37.18
N GLY E 64 -7.45 10.33 -38.50
CA GLY E 64 -6.81 11.42 -39.23
C GLY E 64 -5.32 11.27 -39.41
N GLY E 65 -4.78 10.07 -39.23
CA GLY E 65 -3.34 9.89 -39.33
C GLY E 65 -2.90 8.66 -38.55
N ALA E 66 -1.65 8.71 -38.09
CA ALA E 66 -1.05 7.56 -37.43
C ALA E 66 -0.71 7.89 -35.98
N ILE E 67 -0.75 6.87 -35.14
CA ILE E 67 -0.17 6.94 -33.81
C ILE E 67 1.00 5.98 -33.76
N ILE E 68 2.16 6.49 -33.38
CA ILE E 68 3.37 5.68 -33.30
C ILE E 68 3.90 5.81 -31.87
N ILE E 69 4.01 4.68 -31.20
CA ILE E 69 4.67 4.62 -29.91
C ILE E 69 6.07 4.06 -30.18
N GLN E 70 7.08 4.93 -30.18
CA GLN E 70 8.44 4.50 -30.50
C GLN E 70 8.98 3.58 -29.39
N ALA E 71 10.19 3.05 -29.63
CA ALA E 71 10.72 1.94 -28.83
C ALA E 71 10.88 2.29 -27.35
N GLY E 72 10.61 1.30 -26.49
CA GLY E 72 10.81 1.42 -25.06
C GLY E 72 9.96 2.47 -24.40
N ALA E 73 9.07 3.11 -25.17
CA ALA E 73 8.06 3.94 -24.56
C ALA E 73 7.22 3.14 -23.57
N LEU E 74 6.67 3.81 -22.57
CA LEU E 74 5.90 3.12 -21.54
C LEU E 74 4.68 3.94 -21.20
N LEU E 75 3.50 3.33 -21.33
CA LEU E 75 2.26 3.97 -20.94
C LEU E 75 1.75 3.28 -19.69
N ALA E 76 1.62 4.06 -18.61
CA ALA E 76 0.97 3.58 -17.41
C ALA E 76 -0.48 3.23 -17.69
N ALA E 77 -1.17 2.74 -16.69
CA ALA E 77 -2.58 2.41 -16.84
C ALA E 77 -3.39 3.65 -17.16
N GLY E 78 -4.41 3.47 -17.99
CA GLY E 78 -5.39 4.51 -18.23
C GLY E 78 -4.96 5.58 -19.20
N VAL E 79 -3.94 5.32 -19.99
CA VAL E 79 -3.48 6.35 -20.92
C VAL E 79 -4.45 6.41 -22.10
N LEU E 80 -4.86 7.62 -22.43
CA LEU E 80 -5.68 7.86 -23.60
C LEU E 80 -4.90 8.74 -24.58
N ILE E 81 -4.72 8.23 -25.80
CA ILE E 81 -4.12 8.97 -26.90
C ILE E 81 -5.15 9.01 -28.02
N VAL E 82 -5.51 10.21 -28.45
CA VAL E 82 -6.57 10.38 -29.45
C VAL E 82 -6.04 11.28 -30.56
N GLY E 83 -6.15 10.83 -31.81
CA GLY E 83 -5.80 11.62 -32.97
C GLY E 83 -4.57 11.15 -33.73
N GLN E 84 -3.61 12.05 -33.90
CA GLN E 84 -2.31 11.74 -34.48
C GLN E 84 -1.26 12.13 -33.46
N SER E 85 -0.39 11.19 -33.11
CA SER E 85 0.74 11.56 -32.28
C SER E 85 1.91 10.61 -32.50
N ILE E 86 3.02 10.97 -31.86
CA ILE E 86 4.27 10.23 -31.87
C ILE E 86 4.75 10.29 -30.45
N VAL E 87 4.83 9.14 -29.79
CA VAL E 87 5.44 9.04 -28.47
C VAL E 87 6.91 8.68 -28.67
N GLY E 88 7.78 9.61 -28.34
CA GLY E 88 9.19 9.40 -28.52
C GLY E 88 9.70 8.14 -27.86
N ARG E 89 10.78 7.65 -28.42
CA ARG E 89 11.61 6.62 -27.81
C ARG E 89 11.91 6.86 -26.33
N GLN E 90 11.63 5.82 -25.52
CA GLN E 90 11.94 5.73 -24.09
C GLN E 90 11.22 6.78 -23.26
N ALA E 91 10.18 7.39 -23.83
CA ALA E 91 9.27 8.22 -23.06
C ALA E 91 8.45 7.37 -22.08
N CYS E 92 7.91 8.03 -21.06
CA CYS E 92 7.09 7.38 -20.03
C CYS E 92 5.86 8.24 -19.76
N LEU E 93 4.68 7.67 -19.87
CA LEU E 93 3.45 8.41 -19.68
C LEU E 93 2.78 8.01 -18.38
N GLY E 94 2.70 8.94 -17.44
CA GLY E 94 2.06 8.65 -16.17
C GLY E 94 0.61 8.23 -16.33
N ALA E 95 0.08 7.64 -15.26
CA ALA E 95 -1.27 7.08 -15.27
C ALA E 95 -2.30 8.16 -15.58
N SER E 96 -3.20 7.85 -16.49
CA SER E 96 -4.33 8.74 -16.79
C SER E 96 -3.84 10.00 -17.48
N THR E 97 -2.85 9.82 -18.32
CA THR E 97 -2.41 10.85 -19.23
C THR E 97 -3.29 10.85 -20.47
N THR E 98 -3.70 12.03 -20.89
CA THR E 98 -4.41 12.20 -22.15
C THR E 98 -3.56 13.03 -23.11
N LEU E 99 -3.23 12.47 -24.28
CA LEU E 99 -2.71 13.27 -25.39
C LEU E 99 -3.81 13.38 -26.44
N VAL E 100 -4.08 14.61 -26.89
CA VAL E 100 -5.07 14.86 -27.93
C VAL E 100 -4.34 15.60 -29.04
N ASN E 101 -3.96 14.86 -30.09
CA ASN E 101 -3.25 15.40 -31.27
C ASN E 101 -1.99 16.17 -30.90
N THR E 102 -1.17 15.60 -30.01
CA THR E 102 0.14 16.15 -29.68
C THR E 102 1.12 15.01 -29.44
N SER E 103 2.42 15.31 -29.57
CA SER E 103 3.45 14.29 -29.48
C SER E 103 4.38 14.55 -28.30
N ILE E 104 5.09 13.50 -27.88
CA ILE E 104 6.03 13.57 -26.77
C ILE E 104 7.42 13.24 -27.29
N GLU E 105 8.38 14.11 -26.99
CA GLU E 105 9.74 13.87 -27.45
C GLU E 105 10.35 12.66 -26.73
N ALA E 106 11.43 12.14 -27.30
CA ALA E 106 12.07 10.96 -26.72
C ALA E 106 12.52 11.21 -25.29
N GLY E 107 12.30 10.21 -24.43
CA GLY E 107 12.59 10.31 -23.02
C GLY E 107 11.71 11.24 -22.23
N GLY E 108 10.79 11.94 -22.88
CA GLY E 108 9.92 12.84 -22.16
C GLY E 108 9.00 12.08 -21.22
N VAL E 109 8.70 12.71 -20.08
CA VAL E 109 7.92 12.09 -19.02
C VAL E 109 6.69 12.94 -18.74
N THR E 110 5.59 12.29 -18.40
CA THR E 110 4.29 12.89 -18.23
C THR E 110 3.80 12.65 -16.81
N ALA E 111 3.46 13.70 -16.10
CA ALA E 111 2.89 13.50 -14.77
C ALA E 111 1.56 12.76 -14.91
N PRO E 112 1.24 11.83 -14.01
CA PRO E 112 -0.06 11.18 -14.09
C PRO E 112 -1.15 12.24 -13.99
N GLY E 113 -2.20 12.06 -14.81
CA GLY E 113 -3.26 13.04 -14.95
C GLY E 113 -3.03 14.15 -15.96
N SER E 114 -1.92 14.14 -16.70
CA SER E 114 -1.66 15.23 -17.63
C SER E 114 -2.66 15.25 -18.76
N LEU E 115 -3.14 16.44 -19.07
CA LEU E 115 -3.91 16.71 -20.28
C LEU E 115 -3.02 17.53 -21.21
N LEU E 116 -2.70 16.98 -22.37
CA LEU E 116 -1.93 17.69 -23.38
C LEU E 116 -2.76 17.68 -24.65
N SER E 117 -3.26 18.86 -25.03
CA SER E 117 -4.16 18.98 -26.17
C SER E 117 -3.73 20.11 -27.08
N ALA E 118 -3.66 19.83 -28.38
CA ALA E 118 -3.46 20.88 -29.38
C ALA E 118 -4.81 21.52 -29.66
N GLU E 119 -5.02 22.73 -29.14
CA GLU E 119 -6.19 23.51 -29.54
C GLU E 119 -6.08 23.88 -31.01
N THR E 120 -7.22 23.88 -31.71
CA THR E 120 -7.21 24.13 -33.14
C THR E 120 -6.94 25.60 -33.44
N PRO E 121 -6.18 25.92 -34.49
CA PRO E 121 -5.57 27.27 -34.62
C PRO E 121 -6.61 28.36 -34.84
N PRO E 122 -6.57 29.43 -34.02
CA PRO E 122 -7.46 30.60 -34.13
C PRO E 122 -7.27 31.37 -35.45
N PHE F 1 17.45 7.40 8.50
CA PHE F 1 16.21 6.69 8.75
C PHE F 1 15.11 7.66 9.22
N GLN F 2 13.87 7.44 8.77
CA GLN F 2 12.71 8.15 9.29
C GLN F 2 12.34 7.59 10.68
N SER F 3 11.34 8.18 11.32
CA SER F 3 11.02 7.83 12.70
C SER F 3 10.55 6.38 12.82
N ASN F 4 11.15 5.64 13.77
CA ASN F 4 10.97 4.21 14.03
C ASN F 4 11.55 3.31 12.94
N MET F 5 12.14 3.88 11.87
CA MET F 5 12.61 3.05 10.77
C MET F 5 13.88 2.28 11.11
N HIS F 6 14.66 2.77 12.08
CA HIS F 6 15.82 2.00 12.54
C HIS F 6 15.41 0.79 13.38
N LEU F 7 14.23 0.83 14.02
CA LEU F 7 13.79 -0.28 14.86
C LEU F 7 13.58 -1.53 14.00
N PRO F 8 13.60 -2.71 14.62
CA PRO F 8 13.48 -3.96 13.84
C PRO F 8 12.19 -4.01 13.07
N PRO F 9 12.12 -4.85 12.03
CA PRO F 9 10.85 -5.06 11.32
C PRO F 9 9.85 -5.79 12.21
N LEU F 10 8.61 -5.76 11.79
CA LEU F 10 7.52 -6.42 12.49
C LEU F 10 7.19 -7.71 11.76
N GLU F 11 7.49 -8.85 12.37
CA GLU F 11 7.42 -10.09 11.61
C GLU F 11 6.02 -10.72 11.62
N PRO F 12 5.68 -11.49 10.60
CA PRO F 12 4.39 -12.21 10.57
C PRO F 12 4.33 -13.27 11.66
N PRO F 13 3.13 -13.75 11.99
CA PRO F 13 3.05 -14.90 12.90
C PRO F 13 3.25 -16.21 12.17
N ILE F 14 3.67 -17.22 12.93
CA ILE F 14 3.79 -18.61 12.49
C ILE F 14 2.56 -19.44 12.81
N SER F 15 1.91 -19.20 13.94
CA SER F 15 0.63 -19.79 14.26
C SER F 15 -0.44 -18.73 14.13
N ASP F 16 -1.68 -19.13 14.36
CA ASP F 16 -2.76 -18.19 14.66
C ASP F 16 -3.02 -18.10 16.15
N ARG F 17 -2.03 -18.44 16.96
CA ARG F 17 -2.22 -18.45 18.39
C ARG F 17 -1.09 -17.72 19.10
N TYR F 18 -1.47 -17.09 20.20
CA TYR F 18 -0.56 -16.52 21.17
C TYR F 18 -0.25 -17.53 22.26
N PHE F 19 0.69 -17.17 23.12
CA PHE F 19 1.26 -18.10 24.07
C PHE F 19 1.38 -17.43 25.42
N ALA F 20 0.80 -18.06 26.43
CA ALA F 20 0.95 -17.59 27.80
C ALA F 20 1.81 -18.56 28.59
N SER F 21 2.61 -18.02 29.48
CA SER F 21 3.32 -18.84 30.44
C SER F 21 3.36 -18.04 31.72
N GLY F 22 2.77 -18.60 32.78
CA GLY F 22 2.79 -17.98 34.09
C GLY F 22 1.39 -17.93 34.64
N GLU F 23 1.10 -16.91 35.45
CA GLU F 23 -0.22 -16.75 36.03
C GLU F 23 -0.93 -15.61 35.32
N VAL F 24 -1.85 -15.99 34.45
CA VAL F 24 -2.63 -15.03 33.68
C VAL F 24 -4.11 -15.38 33.85
N THR F 25 -4.95 -14.39 33.87
CA THR F 25 -6.32 -14.61 34.22
C THR F 25 -7.21 -13.99 33.14
N ILE F 26 -7.60 -14.47 31.84
CA ILE F 26 -8.04 -13.56 30.70
C ILE F 26 -9.55 -13.22 30.62
N ALA F 27 -9.83 -12.00 30.09
CA ALA F 27 -11.17 -11.42 30.00
C ALA F 27 -11.87 -11.77 28.69
N ALA F 28 -13.14 -12.22 28.81
CA ALA F 28 -13.77 -12.93 27.69
C ALA F 28 -13.84 -12.07 26.44
N ASP F 29 -13.89 -10.74 26.58
CA ASP F 29 -14.00 -9.86 25.42
C ASP F 29 -12.65 -9.31 24.92
N VAL F 30 -11.54 -9.85 25.43
CA VAL F 30 -10.20 -9.43 25.06
C VAL F 30 -9.86 -10.01 23.69
N VAL F 31 -9.11 -9.25 22.92
CA VAL F 31 -8.65 -9.67 21.61
C VAL F 31 -7.14 -9.66 21.64
N ILE F 32 -6.52 -10.83 21.46
CA ILE F 32 -5.06 -10.96 21.46
C ILE F 32 -4.63 -11.48 20.09
N ALA F 33 -3.77 -10.72 19.41
CA ALA F 33 -3.28 -11.13 18.11
C ALA F 33 -2.39 -12.36 18.22
N PRO F 34 -2.28 -13.15 17.16
CA PRO F 34 -1.42 -14.35 17.21
C PRO F 34 0.05 -13.99 17.38
N GLY F 35 0.75 -14.82 18.14
CA GLY F 35 2.16 -14.57 18.35
C GLY F 35 2.47 -13.60 19.45
N VAL F 36 1.45 -13.11 20.17
CA VAL F 36 1.73 -12.33 21.35
C VAL F 36 2.19 -13.25 22.48
N LEU F 37 3.12 -12.77 23.30
CA LEU F 37 3.79 -13.58 24.30
C LEU F 37 3.51 -12.96 25.65
N LEU F 38 2.63 -13.61 26.44
CA LEU F 38 2.36 -13.22 27.82
C LEU F 38 3.16 -14.12 28.77
N ILE F 39 4.19 -13.57 29.38
CA ILE F 39 5.09 -14.32 30.26
C ILE F 39 5.02 -13.68 31.64
N ALA F 40 4.80 -14.50 32.66
CA ALA F 40 4.80 -14.04 34.05
C ALA F 40 5.67 -14.98 34.88
N GLU F 41 6.69 -14.42 35.53
CA GLU F 41 7.55 -15.21 36.41
C GLU F 41 6.79 -15.65 37.65
N ALA F 42 7.39 -16.57 38.41
CA ALA F 42 6.68 -17.24 39.50
C ALA F 42 6.18 -16.26 40.53
N ASP F 43 6.92 -15.18 40.75
CA ASP F 43 6.54 -14.12 41.66
C ASP F 43 5.60 -13.09 41.02
N SER F 44 4.87 -13.48 39.98
CA SER F 44 4.35 -12.46 39.09
C SER F 44 3.12 -12.98 38.34
N ARG F 45 2.31 -12.03 37.91
CA ARG F 45 1.10 -12.33 37.16
C ARG F 45 0.82 -11.21 36.16
N ILE F 46 0.08 -11.56 35.10
CA ILE F 46 -0.41 -10.60 34.12
C ILE F 46 -1.93 -10.54 34.25
N GLU F 47 -2.48 -9.33 34.23
CA GLU F 47 -3.93 -9.11 34.34
C GLU F 47 -4.35 -8.13 33.25
N ILE F 48 -5.32 -8.55 32.43
CA ILE F 48 -5.78 -7.77 31.28
C ILE F 48 -7.29 -7.59 31.39
N ALA F 49 -7.77 -6.34 31.35
CA ALA F 49 -9.17 -6.08 31.66
C ALA F 49 -10.05 -6.20 30.42
N SER F 50 -11.22 -5.55 30.45
CA SER F 50 -12.30 -5.78 29.50
C SER F 50 -12.09 -4.92 28.27
N GLY F 51 -12.25 -5.53 27.10
CA GLY F 51 -12.22 -4.76 25.87
C GLY F 51 -10.84 -4.43 25.34
N VAL F 52 -9.79 -4.90 26.01
CA VAL F 52 -8.43 -4.72 25.55
C VAL F 52 -8.14 -5.44 24.24
N CYS F 53 -7.29 -4.82 23.43
CA CYS F 53 -6.73 -5.41 22.22
C CYS F 53 -5.21 -5.34 22.31
N ILE F 54 -4.55 -6.44 21.98
CA ILE F 54 -3.09 -6.50 21.95
C ILE F 54 -2.66 -6.88 20.55
N GLY F 55 -1.87 -6.01 19.93
CA GLY F 55 -1.47 -6.19 18.55
C GLY F 55 -0.35 -7.20 18.34
N LEU F 56 -0.30 -7.65 17.08
CA LEU F 56 0.73 -8.54 16.57
C LEU F 56 2.10 -8.29 17.19
N GLY F 57 2.80 -9.37 17.52
CA GLY F 57 4.19 -9.24 17.95
C GLY F 57 4.42 -8.56 19.28
N SER F 58 3.39 -8.38 20.11
CA SER F 58 3.61 -7.75 21.39
C SER F 58 4.15 -8.76 22.38
N VAL F 59 4.80 -8.28 23.42
CA VAL F 59 5.38 -9.16 24.41
C VAL F 59 5.16 -8.53 25.78
N ILE F 60 4.43 -9.22 26.64
CA ILE F 60 4.18 -8.76 28.00
C ILE F 60 4.93 -9.70 28.93
N HIS F 61 5.90 -9.16 29.66
CA HIS F 61 6.72 -9.98 30.56
C HIS F 61 6.71 -9.37 31.96
N ALA F 62 5.97 -9.99 32.88
CA ALA F 62 5.82 -9.47 34.23
C ALA F 62 6.95 -9.97 35.10
N ARG F 63 7.60 -9.05 35.83
CA ARG F 63 8.73 -9.42 36.67
C ARG F 63 8.72 -8.61 37.95
N GLY F 64 8.77 -9.32 39.07
CA GLY F 64 8.70 -8.70 40.38
C GLY F 64 7.34 -8.14 40.75
N GLY F 65 6.28 -8.65 40.17
CA GLY F 65 5.01 -8.08 40.47
C GLY F 65 4.03 -8.36 39.34
N ALA F 66 3.16 -7.39 39.08
CA ALA F 66 2.08 -7.59 38.12
C ALA F 66 2.18 -6.58 36.98
N ILE F 67 1.70 -7.00 35.82
CA ILE F 67 1.35 -6.08 34.75
C ILE F 67 -0.16 -6.10 34.64
N ILE F 68 -0.78 -4.93 34.65
CA ILE F 68 -2.23 -4.84 34.58
C ILE F 68 -2.57 -3.91 33.44
N ILE F 69 -3.17 -4.46 32.38
CA ILE F 69 -3.68 -3.66 31.27
C ILE F 69 -5.16 -3.43 31.60
N GLN F 70 -5.51 -2.19 31.85
CA GLN F 70 -6.87 -1.92 32.29
C GLN F 70 -7.80 -1.82 31.08
N ALA F 71 -9.10 -1.68 31.35
CA ALA F 71 -10.11 -1.89 30.33
C ALA F 71 -10.01 -0.86 29.22
N GLY F 72 -10.23 -1.33 27.98
CA GLY F 72 -10.24 -0.50 26.81
C GLY F 72 -8.88 0.01 26.40
N ALA F 73 -7.83 -0.30 27.15
CA ALA F 73 -6.49 0.00 26.71
C ALA F 73 -6.19 -0.81 25.47
N LEU F 74 -5.37 -0.24 24.59
CA LEU F 74 -5.06 -0.81 23.29
C LEU F 74 -3.55 -0.77 23.06
N LEU F 75 -3.00 -1.85 22.52
CA LEU F 75 -1.59 -1.95 22.25
C LEU F 75 -1.41 -2.22 20.77
N ALA F 76 -0.73 -1.32 20.06
CA ALA F 76 -0.39 -1.58 18.67
C ALA F 76 0.61 -2.72 18.60
N ALA F 77 0.96 -3.12 17.38
CA ALA F 77 1.88 -4.24 17.19
C ALA F 77 3.21 -4.00 17.89
N GLY F 78 3.82 -5.08 18.36
CA GLY F 78 5.17 -5.03 18.92
C GLY F 78 5.38 -4.18 20.15
N VAL F 79 4.33 -3.86 20.90
CA VAL F 79 4.52 -3.22 22.19
C VAL F 79 5.20 -4.21 23.15
N LEU F 80 6.11 -3.69 23.97
CA LEU F 80 6.90 -4.50 24.88
C LEU F 80 6.78 -3.96 26.30
N ILE F 81 6.29 -4.78 27.22
CA ILE F 81 6.10 -4.37 28.60
C ILE F 81 6.82 -5.36 29.52
N VAL F 82 7.92 -4.90 30.14
CA VAL F 82 8.74 -5.70 31.03
C VAL F 82 8.72 -5.05 32.39
N GLY F 83 8.60 -5.87 33.46
CA GLY F 83 8.73 -5.36 34.81
C GLY F 83 7.41 -5.37 35.53
N GLN F 84 6.97 -4.26 36.15
CA GLN F 84 5.58 -4.18 36.60
C GLN F 84 5.00 -2.87 36.08
N SER F 85 3.79 -2.95 35.53
CA SER F 85 3.20 -1.83 34.81
C SER F 85 1.69 -1.88 34.97
N ILE F 86 1.06 -0.71 35.07
CA ILE F 86 -0.37 -0.59 35.01
C ILE F 86 -0.68 0.36 33.89
N VAL F 87 -1.37 -0.12 32.86
CA VAL F 87 -1.72 0.73 31.73
C VAL F 87 -3.14 1.20 31.94
N GLY F 88 -3.30 2.51 32.06
CA GLY F 88 -4.56 3.15 32.37
C GLY F 88 -5.77 2.72 31.55
N ARG F 89 -6.95 3.03 32.07
CA ARG F 89 -8.19 2.85 31.34
C ARG F 89 -8.15 3.65 30.03
N GLN F 90 -8.49 3.00 28.91
CA GLN F 90 -8.65 3.67 27.61
C GLN F 90 -7.34 4.13 26.96
N ALA F 91 -6.19 3.75 27.51
CA ALA F 91 -4.91 4.17 26.97
C ALA F 91 -4.66 3.55 25.58
N CYS F 92 -3.72 4.17 24.85
CA CYS F 92 -3.34 3.78 23.48
C CYS F 92 -1.83 3.80 23.35
N LEU F 93 -1.25 2.68 22.92
CA LEU F 93 0.21 2.54 22.88
C LEU F 93 0.65 2.32 21.43
N GLY F 94 1.41 3.27 20.89
CA GLY F 94 1.86 3.17 19.52
C GLY F 94 2.68 1.92 19.28
N ALA F 95 2.78 1.55 18.00
CA ALA F 95 3.64 0.44 17.60
C ALA F 95 5.04 0.56 18.21
N SER F 96 5.54 -0.57 18.71
CA SER F 96 6.89 -0.68 19.24
C SER F 96 7.16 0.30 20.38
N THR F 97 6.12 0.63 21.13
CA THR F 97 6.31 1.19 22.47
C THR F 97 7.06 0.18 23.34
N THR F 98 7.95 0.70 24.18
CA THR F 98 8.55 -0.08 25.25
C THR F 98 8.29 0.58 26.61
N LEU F 99 7.66 -0.17 27.52
CA LEU F 99 7.48 0.26 28.92
C LEU F 99 8.23 -0.72 29.81
N VAL F 100 9.20 -0.19 30.58
CA VAL F 100 10.03 -0.98 31.51
C VAL F 100 9.86 -0.44 32.92
N ASN F 101 9.11 -1.17 33.75
CA ASN F 101 8.80 -0.74 35.12
C ASN F 101 8.20 0.68 35.14
N THR F 102 7.35 0.98 34.15
CA THR F 102 6.69 2.29 34.06
C THR F 102 5.24 2.11 33.60
N SER F 103 4.34 2.94 34.15
CA SER F 103 2.89 2.81 33.99
C SER F 103 2.30 3.99 33.21
N ILE F 104 1.07 3.84 32.74
CA ILE F 104 0.43 4.85 31.91
C ILE F 104 -0.88 5.29 32.55
N GLU F 105 -1.00 6.61 32.74
CA GLU F 105 -2.26 7.25 33.10
C GLU F 105 -3.39 6.81 32.18
N ALA F 106 -4.58 6.63 32.75
CA ALA F 106 -5.76 6.41 31.93
C ALA F 106 -5.81 7.41 30.78
N GLY F 107 -6.26 6.95 29.63
CA GLY F 107 -6.42 7.79 28.46
C GLY F 107 -5.12 8.31 27.86
N GLY F 108 -3.97 8.01 28.48
CA GLY F 108 -2.72 8.47 27.92
C GLY F 108 -2.38 7.74 26.63
N VAL F 109 -1.67 8.44 25.75
CA VAL F 109 -1.34 7.91 24.43
C VAL F 109 0.17 7.97 24.22
N THR F 110 0.73 6.89 23.69
CA THR F 110 2.18 6.76 23.49
C THR F 110 2.57 6.78 22.03
N ALA F 111 3.53 7.65 21.69
CA ALA F 111 4.00 7.75 20.32
C ALA F 111 4.68 6.44 19.92
N PRO F 112 4.48 5.98 18.70
CA PRO F 112 5.16 4.77 18.26
C PRO F 112 6.67 4.89 18.46
N GLY F 113 7.28 3.76 18.83
CA GLY F 113 8.70 3.73 19.10
C GLY F 113 9.12 4.26 20.45
N SER F 114 8.17 4.67 21.30
CA SER F 114 8.51 5.25 22.59
C SER F 114 9.24 4.25 23.50
N LEU F 115 10.12 4.79 24.32
CA LEU F 115 11.00 4.01 25.18
C LEU F 115 10.91 4.63 26.58
N LEU F 116 10.20 3.95 27.48
CA LEU F 116 10.00 4.43 28.84
C LEU F 116 10.57 3.39 29.80
N SER F 117 11.69 3.72 30.46
CA SER F 117 12.40 2.75 31.29
C SER F 117 12.94 3.40 32.56
N ALA F 118 12.41 2.96 33.71
CA ALA F 118 12.96 3.24 35.03
C ALA F 118 13.67 2.00 35.56
N GLU F 119 14.63 2.24 36.48
CA GLU F 119 15.55 1.18 36.93
C GLU F 119 14.81 0.11 37.72
N THR F 120 13.99 0.54 38.69
CA THR F 120 13.18 -0.26 39.59
C THR F 120 12.25 0.66 40.39
N PRO F 121 11.01 0.23 40.69
CA PRO F 121 10.07 1.05 41.46
C PRO F 121 10.26 0.95 42.97
#